data_8J7K
#
_entry.id   8J7K
#
_cell.length_a   51.091
_cell.length_b   139.686
_cell.length_c   57.901
_cell.angle_alpha   90.000
_cell.angle_beta   108.670
_cell.angle_gamma   90.000
#
_symmetry.space_group_name_H-M   'P 1 21 1'
#
loop_
_entity.id
_entity.type
_entity.pdbx_description
1 polymer 'Alpha/beta fold hydrolase'
2 non-polymer 'methyl 3-[(4-methoxy-6-methyl-1,3,5-triazin-2-yl)carbamoylsulfamoyl]thiophene-2-carboxylate'
3 non-polymer 'L(+)-TARTARIC ACID'
4 non-polymer GLYCEROL
5 water water
#
_entity_poly.entity_id   1
_entity_poly.type   'polypeptide(L)'
_entity_poly.pdbx_seq_one_letter_code
;METDNVELAQSKRKVVLAEQGSFYIGGRTVTGPGKFDPSKPVIRYSNEGATFYINQMYVNFQAPVRPRGLPLVFWHGGGL
TGHIWESTPDGRPGFQTLFVQDRHTVYTIDQPGRGRGNIPTFNGPFGQLEEESIVNTVTGNSSKEGAWVRDRLGPAPGQF
FENSQFPRGYEDNYFKEMGFSPSISSDEIVDAVVKLVTHIGPCVLVTHAASGVLGMRVATHAKNVRGIVAYEPATSIFPK
GKVPEIPPLADKKSQIFPPFEIQESYFKKLAKIPIQFVFGDNIPKNPKSAYWFLDWWRVTRYAHSLSLEAINKLGGQASL
LDLPTAGLRGNTAFPFTDRNNVQVASLLSDFLGKHGLDQNESLEHHHHHH
;
_entity_poly.pdbx_strand_id   A,B
#
loop_
_chem_comp.id
_chem_comp.type
_chem_comp.name
_chem_comp.formula
GOL non-polymer GLYCEROL 'C3 H8 O3'
R4O non-polymer 'methyl 3-[(4-methoxy-6-methyl-1,3,5-triazin-2-yl)carbamoylsulfamoyl]thiophene-2-carboxylate' 'C12 H13 N5 O6 S2'
TLA non-polymer 'L(+)-TARTARIC ACID' 'C4 H6 O6'
#
# COMPACT_ATOMS: atom_id res chain seq x y z
N SER A 11 24.15 15.53 0.27
CA SER A 11 23.86 14.13 0.02
C SER A 11 22.79 13.92 -1.04
N LYS A 12 23.04 13.00 -1.97
CA LYS A 12 22.04 12.63 -2.97
C LYS A 12 20.81 12.02 -2.34
N ARG A 13 20.90 11.51 -1.11
CA ARG A 13 19.77 10.86 -0.48
C ARG A 13 18.97 11.78 0.43
N LYS A 14 19.52 12.94 0.78
CA LYS A 14 18.87 13.83 1.76
C LYS A 14 17.68 14.55 1.14
N VAL A 15 16.61 14.66 1.93
CA VAL A 15 15.36 15.28 1.51
C VAL A 15 14.81 16.12 2.66
N VAL A 16 14.42 17.35 2.38
CA VAL A 16 13.86 18.25 3.38
C VAL A 16 12.41 18.51 3.01
N LEU A 17 11.50 18.12 3.90
CA LEU A 17 10.07 18.25 3.66
C LEU A 17 9.48 19.33 4.54
N ALA A 18 8.78 20.29 3.92
CA ALA A 18 7.94 21.20 4.69
C ALA A 18 6.79 20.45 5.36
N GLU A 19 6.28 19.41 4.70
CA GLU A 19 5.24 18.57 5.26
C GLU A 19 5.14 17.31 4.43
N GLN A 20 4.60 16.26 5.05
CA GLN A 20 4.32 15.02 4.36
C GLN A 20 3.09 14.42 4.99
N GLY A 21 2.45 13.52 4.26
CA GLY A 21 1.31 12.84 4.84
C GLY A 21 0.62 12.00 3.79
N SER A 22 -0.53 11.45 4.20
CA SER A 22 -1.32 10.65 3.29
C SER A 22 -2.77 10.75 3.67
N PHE A 23 -3.63 10.41 2.72
CA PHE A 23 -5.07 10.47 2.92
C PHE A 23 -5.78 9.57 1.92
N TYR A 24 -7.06 9.31 2.19
CA TYR A 24 -7.95 8.58 1.30
C TYR A 24 -8.89 9.55 0.61
N ILE A 25 -9.18 9.27 -0.66
CA ILE A 25 -10.10 10.10 -1.43
C ILE A 25 -10.84 9.22 -2.43
N GLY A 26 -12.05 9.65 -2.78
CA GLY A 26 -12.84 8.92 -3.76
C GLY A 26 -13.53 7.71 -3.17
N GLY A 27 -14.20 6.97 -4.04
CA GLY A 27 -14.91 5.77 -3.66
C GLY A 27 -16.38 6.02 -3.42
N ARG A 28 -17.06 4.94 -3.07
CA ARG A 28 -18.50 4.98 -2.76
C ARG A 28 -18.74 4.02 -1.60
N THR A 29 -20.01 3.74 -1.31
CA THR A 29 -20.36 2.75 -0.31
C THR A 29 -21.36 1.78 -0.90
N VAL A 30 -21.36 0.55 -0.36
CA VAL A 30 -22.39 -0.44 -0.61
C VAL A 30 -22.83 -0.98 0.73
N THR A 31 -24.07 -1.49 0.78
CA THR A 31 -24.65 -1.92 2.05
C THR A 31 -25.20 -3.34 1.96
N GLY A 32 -25.04 -4.09 3.05
CA GLY A 32 -25.60 -5.40 3.17
C GLY A 32 -27.03 -5.33 3.66
N PRO A 33 -27.68 -6.48 3.82
CA PRO A 33 -29.07 -6.49 4.25
C PRO A 33 -29.20 -6.36 5.76
N GLY A 34 -30.34 -5.82 6.18
CA GLY A 34 -30.71 -5.85 7.60
C GLY A 34 -30.11 -4.72 8.43
N LYS A 35 -30.11 -4.96 9.74
CA LYS A 35 -29.73 -3.96 10.74
C LYS A 35 -28.58 -4.49 11.59
N PHE A 36 -27.79 -3.55 12.13
CA PHE A 36 -26.68 -3.87 13.02
C PHE A 36 -27.13 -3.76 14.47
N ASP A 37 -26.88 -4.82 15.25
CA ASP A 37 -27.25 -4.87 16.66
C ASP A 37 -25.96 -4.94 17.47
N PRO A 38 -25.58 -3.88 18.18
CA PRO A 38 -24.32 -3.90 18.95
C PRO A 38 -24.28 -4.90 20.10
N SER A 39 -25.40 -5.53 20.47
CA SER A 39 -25.38 -6.51 21.53
C SER A 39 -25.06 -7.92 21.04
N LYS A 40 -25.16 -8.14 19.76
CA LYS A 40 -24.87 -9.45 19.18
C LYS A 40 -23.39 -9.57 18.85
N PRO A 41 -22.87 -10.79 18.79
CA PRO A 41 -21.43 -10.95 18.52
C PRO A 41 -21.04 -10.28 17.21
N VAL A 42 -20.03 -9.41 17.29
CA VAL A 42 -19.59 -8.65 16.12
C VAL A 42 -18.62 -9.47 15.27
N ILE A 43 -17.94 -10.44 15.89
CA ILE A 43 -17.06 -11.40 15.21
C ILE A 43 -17.63 -12.78 15.46
N ARG A 44 -17.70 -13.63 14.43
CA ARG A 44 -17.21 -13.37 13.07
C ARG A 44 -17.99 -12.31 12.33
N TYR A 45 -17.26 -11.52 11.52
CA TYR A 45 -17.87 -10.37 10.86
C TYR A 45 -18.96 -10.83 9.88
N SER A 46 -20.02 -10.04 9.80
CA SER A 46 -21.19 -10.35 8.99
C SER A 46 -21.46 -9.20 8.03
N ASN A 47 -22.21 -9.50 6.96
CA ASN A 47 -22.72 -8.44 6.10
C ASN A 47 -24.00 -7.81 6.63
N GLU A 48 -24.55 -8.33 7.73
CA GLU A 48 -25.83 -7.85 8.23
C GLU A 48 -25.71 -6.44 8.80
N GLY A 49 -26.53 -5.52 8.29
CA GLY A 49 -26.47 -4.15 8.72
C GLY A 49 -25.20 -3.43 8.33
N ALA A 50 -24.47 -3.95 7.35
CA ALA A 50 -23.12 -3.51 7.06
C ALA A 50 -23.10 -2.40 6.02
N THR A 51 -22.28 -1.38 6.27
CA THR A 51 -21.86 -0.41 5.27
C THR A 51 -20.40 -0.67 4.96
N PHE A 52 -20.05 -0.76 3.68
CA PHE A 52 -18.67 -0.95 3.25
C PHE A 52 -18.26 0.22 2.36
N TYR A 53 -17.14 0.86 2.69
CA TYR A 53 -16.53 1.81 1.77
C TYR A 53 -15.71 1.06 0.74
N ILE A 54 -15.98 1.31 -0.55
CA ILE A 54 -15.31 0.59 -1.63
C ILE A 54 -14.74 1.55 -2.66
N ASN A 55 -13.66 1.12 -3.31
CA ASN A 55 -13.08 1.77 -4.49
C ASN A 55 -12.41 3.11 -4.20
N GLN A 56 -12.12 3.38 -2.93
CA GLN A 56 -11.35 4.56 -2.54
C GLN A 56 -9.87 4.39 -2.90
N MET A 57 -9.18 5.53 -3.00
CA MET A 57 -7.79 5.61 -3.45
C MET A 57 -6.92 6.13 -2.29
N TYR A 58 -5.71 5.59 -2.15
CA TYR A 58 -4.72 6.12 -1.22
C TYR A 58 -3.81 7.12 -1.92
N VAL A 59 -3.51 8.22 -1.23
CA VAL A 59 -2.68 9.28 -1.77
C VAL A 59 -1.63 9.67 -0.72
N ASN A 60 -0.36 9.74 -1.13
CA ASN A 60 0.71 10.25 -0.30
C ASN A 60 1.25 11.54 -0.91
N PHE A 61 1.62 12.50 -0.07
CA PHE A 61 2.22 13.74 -0.55
C PHE A 61 3.47 14.08 0.26
N GLN A 62 4.43 14.67 -0.43
CA GLN A 62 5.64 15.21 0.19
C GLN A 62 5.87 16.57 -0.44
N ALA A 63 5.90 17.62 0.37
CA ALA A 63 6.07 18.98 -0.09
C ALA A 63 7.42 19.52 0.33
N PRO A 64 8.22 20.05 -0.60
CA PRO A 64 9.49 20.66 -0.23
C PRO A 64 9.26 22.02 0.41
N VAL A 65 10.33 22.57 0.96
CA VAL A 65 10.30 23.96 1.40
C VAL A 65 10.34 24.85 0.17
N ARG A 66 9.42 25.78 0.06
CA ARG A 66 9.34 26.67 -1.11
C ARG A 66 9.27 25.94 -2.45
N PRO A 67 8.15 25.30 -2.68
CA PRO A 67 7.96 24.64 -3.96
C PRO A 67 7.95 25.62 -5.12
N ARG A 68 8.38 25.17 -6.28
CA ARG A 68 8.38 25.98 -7.48
C ARG A 68 7.68 25.25 -8.57
N GLY A 69 6.61 25.81 -9.06
CA GLY A 69 5.86 25.15 -10.10
C GLY A 69 4.77 24.25 -9.63
N LEU A 70 4.27 23.49 -10.57
CA LEU A 70 3.16 22.68 -10.25
C LEU A 70 3.43 21.35 -9.51
N PRO A 71 2.46 20.91 -8.67
CA PRO A 71 2.64 19.60 -8.08
C PRO A 71 2.61 18.49 -9.14
N LEU A 72 3.34 17.44 -8.87
CA LEU A 72 3.37 16.29 -9.75
C LEU A 72 2.62 15.13 -9.12
N VAL A 73 1.84 14.44 -9.93
CA VAL A 73 1.08 13.28 -9.47
C VAL A 73 1.61 12.06 -10.21
N PHE A 74 2.31 11.22 -9.49
CA PHE A 74 2.89 10.00 -10.05
C PHE A 74 1.92 8.86 -9.95
N TRP A 75 1.61 8.26 -11.08
CA TRP A 75 0.61 7.23 -11.17
C TRP A 75 1.19 5.95 -11.73
N HIS A 76 1.28 4.96 -10.89
CA HIS A 76 1.85 3.69 -11.24
C HIS A 76 1.13 2.95 -12.35
N GLY A 77 1.89 2.07 -12.98
CA GLY A 77 1.31 1.18 -13.98
C GLY A 77 0.55 0.00 -13.44
N GLY A 78 0.14 -0.87 -14.34
CA GLY A 78 -0.67 -1.99 -13.95
C GLY A 78 -0.05 -2.96 -12.99
N GLY A 79 -0.81 -3.28 -11.97
CA GLY A 79 -0.32 -4.22 -10.98
C GLY A 79 0.75 -3.68 -10.05
N LEU A 80 0.88 -2.38 -9.98
CA LEU A 80 1.93 -1.75 -9.18
C LEU A 80 1.37 -0.85 -8.10
N THR A 81 2.24 -0.14 -7.39
CA THR A 81 1.83 0.78 -6.34
C THR A 81 2.79 1.96 -6.40
N GLY A 82 2.56 2.94 -5.52
CA GLY A 82 3.50 4.07 -5.41
C GLY A 82 4.93 3.74 -5.00
N HIS A 83 5.19 2.51 -4.56
CA HIS A 83 6.57 2.10 -4.27
C HIS A 83 7.55 2.38 -5.43
N ILE A 84 7.08 2.21 -6.66
CA ILE A 84 7.96 2.37 -7.82
C ILE A 84 8.48 3.79 -7.99
N TRP A 85 7.82 4.77 -7.38
CA TRP A 85 8.30 6.15 -7.39
C TRP A 85 9.13 6.49 -6.15
N GLU A 86 9.04 5.64 -5.15
CA GLU A 86 9.80 5.84 -3.90
C GLU A 86 11.25 5.39 -4.00
N SER A 87 11.48 4.18 -4.49
CA SER A 87 12.81 3.60 -4.59
C SER A 87 12.88 2.65 -5.75
N THR A 88 14.08 2.42 -6.24
CA THR A 88 14.32 1.42 -7.27
C THR A 88 14.49 0.07 -6.53
N PRO A 89 14.49 -1.05 -7.28
CA PRO A 89 14.57 -2.35 -6.60
C PRO A 89 15.88 -2.54 -5.84
N ASP A 90 16.93 -1.87 -6.28
CA ASP A 90 18.22 -1.91 -5.59
C ASP A 90 18.40 -0.80 -4.55
N GLY A 91 17.35 -0.09 -4.23
CA GLY A 91 17.41 0.89 -3.16
C GLY A 91 17.88 2.28 -3.46
N ARG A 92 18.02 2.64 -4.71
CA ARG A 92 18.36 4.01 -5.06
C ARG A 92 17.11 4.88 -5.01
N PRO A 93 17.29 6.18 -4.87
CA PRO A 93 16.15 7.06 -4.83
C PRO A 93 15.29 7.03 -6.07
N GLY A 94 14.00 7.02 -5.81
CA GLY A 94 13.05 7.10 -6.89
C GLY A 94 12.67 8.53 -7.21
N PHE A 95 11.76 8.68 -8.15
CA PHE A 95 11.34 10.01 -8.60
C PHE A 95 10.67 10.88 -7.52
N GLN A 96 10.06 10.26 -6.54
CA GLN A 96 9.51 11.03 -5.42
C GLN A 96 10.63 11.89 -4.77
N THR A 97 11.71 11.26 -4.35
CA THR A 97 12.83 11.98 -3.78
C THR A 97 13.46 12.96 -4.79
N LEU A 98 13.70 12.50 -6.00
CA LEU A 98 14.36 13.35 -7.00
C LEU A 98 13.57 14.62 -7.28
N PHE A 99 12.24 14.55 -7.31
CA PHE A 99 11.43 15.72 -7.65
C PHE A 99 11.10 16.63 -6.48
N VAL A 100 11.15 16.09 -5.27
CA VAL A 100 11.03 16.94 -4.08
C VAL A 100 12.36 17.72 -4.01
N GLN A 101 13.47 17.09 -4.33
CA GLN A 101 14.77 17.78 -4.42
C GLN A 101 14.73 18.81 -5.56
N ASP A 102 13.95 18.57 -6.61
CA ASP A 102 13.79 19.51 -7.74
C ASP A 102 12.69 20.53 -7.44
N ARG A 103 12.32 20.67 -6.17
CA ARG A 103 11.35 21.66 -5.71
C ARG A 103 9.91 21.56 -6.13
N HIS A 104 9.46 20.35 -6.42
CA HIS A 104 8.04 20.12 -6.66
C HIS A 104 7.43 19.38 -5.48
N THR A 105 6.22 19.77 -5.12
CA THR A 105 5.41 18.91 -4.28
C THR A 105 5.06 17.66 -5.08
N VAL A 106 5.17 16.50 -4.45
CA VAL A 106 5.02 15.21 -5.12
C VAL A 106 3.89 14.43 -4.48
N TYR A 107 2.90 14.05 -5.28
CA TYR A 107 1.86 13.13 -4.88
C TYR A 107 2.13 11.77 -5.52
N THR A 108 2.00 10.71 -4.74
CA THR A 108 2.07 9.35 -5.24
C THR A 108 0.81 8.63 -4.80
N ILE A 109 0.19 7.88 -5.71
CA ILE A 109 -1.09 7.26 -5.41
C ILE A 109 -0.96 5.75 -5.45
N ASP A 110 -1.85 5.07 -4.71
CA ASP A 110 -2.17 3.66 -4.94
C ASP A 110 -3.62 3.68 -5.41
N GLN A 111 -3.84 3.38 -6.69
CA GLN A 111 -5.17 3.54 -7.28
C GLN A 111 -6.15 2.54 -6.67
N PRO A 112 -7.45 2.78 -6.78
CA PRO A 112 -8.43 1.78 -6.30
C PRO A 112 -8.08 0.40 -6.84
N GLY A 113 -8.08 -0.59 -5.96
CA GLY A 113 -7.78 -1.95 -6.34
C GLY A 113 -6.33 -2.37 -6.21
N ARG A 114 -5.43 -1.43 -5.87
CA ARG A 114 -4.00 -1.69 -5.81
C ARG A 114 -3.41 -1.16 -4.51
N GLY A 115 -2.54 -1.96 -3.87
CA GLY A 115 -1.80 -1.45 -2.73
C GLY A 115 -2.71 -1.00 -1.63
N ARG A 116 -2.49 0.24 -1.15
CA ARG A 116 -3.28 0.80 -0.09
C ARG A 116 -4.65 1.29 -0.54
N GLY A 117 -4.92 1.29 -1.85
CA GLY A 117 -6.27 1.52 -2.32
C GLY A 117 -7.16 0.37 -1.92
N ASN A 118 -8.46 0.55 -2.06
CA ASN A 118 -9.39 -0.48 -1.60
C ASN A 118 -9.44 -1.67 -2.55
N ILE A 119 -9.51 -2.85 -1.96
CA ILE A 119 -9.87 -4.06 -2.70
C ILE A 119 -11.28 -4.45 -2.25
N PRO A 120 -12.28 -4.28 -3.10
CA PRO A 120 -13.68 -4.42 -2.65
C PRO A 120 -14.13 -5.86 -2.46
N THR A 121 -13.97 -6.38 -1.24
CA THR A 121 -14.46 -7.70 -0.90
C THR A 121 -15.06 -7.68 0.49
N PHE A 122 -15.83 -8.72 0.81
CA PHE A 122 -16.78 -8.65 1.92
C PHE A 122 -16.75 -9.95 2.70
N ASN A 123 -17.88 -10.37 3.23
CA ASN A 123 -18.02 -11.69 3.83
C ASN A 123 -18.70 -12.59 2.83
N GLY A 124 -17.93 -13.48 2.21
CA GLY A 124 -18.40 -14.30 1.13
C GLY A 124 -17.31 -14.49 0.08
N PRO A 125 -17.62 -15.23 -0.98
CA PRO A 125 -16.66 -15.39 -2.08
C PRO A 125 -16.15 -14.03 -2.54
N PHE A 126 -14.85 -13.99 -2.86
CA PHE A 126 -14.16 -12.75 -3.21
C PHE A 126 -14.97 -11.88 -4.13
N GLY A 127 -15.17 -10.62 -3.71
CA GLY A 127 -15.81 -9.63 -4.52
C GLY A 127 -17.32 -9.61 -4.47
N GLN A 128 -17.94 -10.55 -3.75
CA GLN A 128 -19.39 -10.73 -3.77
C GLN A 128 -19.99 -10.20 -2.47
N LEU A 129 -20.97 -9.30 -2.60
CA LEU A 129 -21.73 -8.80 -1.47
C LEU A 129 -23.15 -9.35 -1.63
N GLU A 130 -23.43 -10.44 -0.92
CA GLU A 130 -24.67 -11.18 -1.13
C GLU A 130 -24.83 -11.53 -2.59
N GLU A 131 -25.93 -11.11 -3.21
CA GLU A 131 -26.21 -11.46 -4.60
C GLU A 131 -25.53 -10.54 -5.60
N GLU A 132 -24.86 -9.47 -5.16
CA GLU A 132 -24.23 -8.52 -6.06
C GLU A 132 -22.75 -8.83 -6.22
N SER A 133 -22.29 -8.89 -7.47
CA SER A 133 -20.87 -9.03 -7.78
C SER A 133 -20.26 -7.65 -7.93
N ILE A 134 -19.49 -7.20 -6.93
CA ILE A 134 -18.81 -5.92 -7.03
C ILE A 134 -17.57 -6.04 -7.91
N VAL A 135 -16.74 -7.07 -7.68
CA VAL A 135 -15.68 -7.45 -8.61
C VAL A 135 -15.73 -8.96 -8.79
N ASN A 136 -15.08 -9.43 -9.85
CA ASN A 136 -15.11 -10.86 -10.17
C ASN A 136 -14.37 -11.69 -9.11
N THR A 137 -14.90 -12.89 -8.85
CA THR A 137 -14.23 -13.82 -7.94
C THR A 137 -13.01 -14.45 -8.58
N VAL A 138 -13.05 -14.65 -9.90
CA VAL A 138 -11.92 -15.17 -10.65
C VAL A 138 -10.98 -14.01 -10.96
N THR A 139 -9.71 -14.16 -10.55
CA THR A 139 -8.70 -13.13 -10.76
C THR A 139 -7.79 -13.50 -11.93
N GLY A 140 -7.04 -12.50 -12.38
CA GLY A 140 -5.92 -12.73 -13.27
C GLY A 140 -4.68 -12.06 -12.70
N ASN A 141 -3.52 -12.56 -13.12
CA ASN A 141 -2.26 -12.03 -12.61
C ASN A 141 -1.13 -12.46 -13.51
N SER A 142 -0.21 -11.54 -13.81
CA SER A 142 0.97 -11.91 -14.56
C SER A 142 1.90 -12.79 -13.73
N SER A 143 2.72 -13.56 -14.43
CA SER A 143 3.81 -14.30 -13.82
C SER A 143 5.09 -13.46 -13.86
N LYS A 144 6.11 -13.93 -13.13
CA LYS A 144 7.44 -13.34 -13.28
C LYS A 144 7.90 -13.38 -14.73
N GLU A 145 7.66 -14.51 -15.41
CA GLU A 145 8.11 -14.70 -16.79
C GLU A 145 7.41 -13.72 -17.72
N GLY A 146 6.09 -13.56 -17.56
CA GLY A 146 5.37 -12.61 -18.39
C GLY A 146 5.82 -11.18 -18.15
N ALA A 147 6.09 -10.83 -16.89
CA ALA A 147 6.51 -9.47 -16.59
C ALA A 147 7.93 -9.21 -17.11
N TRP A 148 8.80 -10.24 -17.06
CA TRP A 148 10.16 -10.08 -17.55
C TRP A 148 10.15 -9.63 -19.02
N VAL A 149 9.36 -10.31 -19.84
CA VAL A 149 9.33 -9.97 -21.26
C VAL A 149 8.49 -8.71 -21.53
N ARG A 150 7.42 -8.52 -20.76
CA ARG A 150 6.63 -7.29 -20.88
C ARG A 150 7.50 -6.06 -20.66
N ASP A 151 8.37 -6.11 -19.66
CA ASP A 151 9.15 -4.93 -19.30
C ASP A 151 10.45 -4.85 -20.08
N ARG A 152 10.70 -5.80 -20.97
CA ARG A 152 11.86 -5.79 -21.87
C ARG A 152 13.18 -5.78 -21.10
N LEU A 153 13.23 -6.54 -19.99
CA LEU A 153 14.52 -6.81 -19.39
C LEU A 153 15.42 -7.54 -20.39
N GLY A 154 14.81 -8.43 -21.17
CA GLY A 154 15.47 -9.19 -22.21
C GLY A 154 14.42 -9.92 -23.01
N PRO A 155 14.84 -10.71 -24.00
CA PRO A 155 13.86 -11.35 -24.89
C PRO A 155 13.17 -12.56 -24.29
N ALA A 156 13.70 -13.15 -23.22
CA ALA A 156 13.13 -14.33 -22.60
C ALA A 156 13.44 -14.28 -21.11
N PRO A 157 12.62 -14.91 -20.27
CA PRO A 157 12.88 -14.87 -18.82
C PRO A 157 14.29 -15.33 -18.48
N GLY A 158 14.92 -14.61 -17.55
CA GLY A 158 16.26 -14.92 -17.12
C GLY A 158 17.37 -14.38 -18.01
N GLN A 159 17.04 -13.79 -19.15
CA GLN A 159 18.04 -13.25 -20.07
C GLN A 159 17.92 -11.73 -20.12
N PHE A 160 19.05 -11.04 -20.11
CA PHE A 160 19.09 -9.59 -20.24
C PHE A 160 19.64 -9.18 -21.60
N PHE A 161 19.07 -8.11 -22.16
CA PHE A 161 19.75 -7.42 -23.25
C PHE A 161 21.11 -6.95 -22.77
N GLU A 162 22.11 -7.00 -23.65
CA GLU A 162 23.46 -6.60 -23.28
C GLU A 162 23.50 -5.17 -22.75
N ASN A 163 22.69 -4.28 -23.32
CA ASN A 163 22.72 -2.88 -22.94
C ASN A 163 21.81 -2.55 -21.76
N SER A 164 21.19 -3.55 -21.14
CA SER A 164 20.13 -3.28 -20.15
C SER A 164 20.55 -2.33 -19.06
N GLN A 165 19.65 -1.41 -18.74
CA GLN A 165 19.76 -0.54 -17.57
C GLN A 165 19.08 -1.13 -16.34
N PHE A 166 18.55 -2.35 -16.42
CA PHE A 166 17.90 -2.94 -15.26
C PHE A 166 18.91 -3.14 -14.12
N PRO A 167 18.50 -2.95 -12.86
CA PRO A 167 19.41 -3.24 -11.72
C PRO A 167 19.55 -4.74 -11.44
N ARG A 168 20.43 -5.38 -12.21
CA ARG A 168 20.65 -6.81 -12.11
C ARG A 168 21.03 -7.21 -10.69
N GLY A 169 20.61 -8.41 -10.30
CA GLY A 169 20.82 -8.89 -8.94
C GLY A 169 19.68 -8.55 -8.01
N TYR A 170 18.75 -7.71 -8.43
CA TYR A 170 17.61 -7.29 -7.62
C TYR A 170 16.30 -7.71 -8.27
N GLU A 171 16.35 -8.80 -9.02
CA GLU A 171 15.16 -9.31 -9.72
C GLU A 171 14.04 -9.66 -8.74
N ASP A 172 14.36 -10.40 -7.67
CA ASP A 172 13.31 -10.79 -6.73
C ASP A 172 12.62 -9.54 -6.16
N ASN A 173 13.42 -8.54 -5.77
CA ASN A 173 12.87 -7.31 -5.21
C ASN A 173 11.90 -6.65 -6.18
N TYR A 174 12.31 -6.58 -7.45
CA TYR A 174 11.51 -5.98 -8.52
C TYR A 174 10.19 -6.73 -8.70
N PHE A 175 10.25 -8.03 -8.94
CA PHE A 175 9.01 -8.75 -9.21
C PHE A 175 8.08 -8.79 -8.00
N LYS A 176 8.65 -8.71 -6.79
CA LYS A 176 7.84 -8.70 -5.58
C LYS A 176 6.91 -7.49 -5.47
N GLU A 177 7.16 -6.43 -6.24
CA GLU A 177 6.33 -5.23 -6.17
C GLU A 177 5.05 -5.34 -6.99
N MET A 178 4.92 -6.39 -7.80
CA MET A 178 3.79 -6.56 -8.70
C MET A 178 2.73 -7.51 -8.17
N GLY A 179 1.48 -7.26 -8.57
CA GLY A 179 0.41 -8.13 -8.15
C GLY A 179 -0.85 -7.94 -8.97
N PHE A 180 -1.92 -8.61 -8.53
CA PHE A 180 -3.17 -8.62 -9.27
C PHE A 180 -3.95 -7.34 -9.06
N SER A 181 -4.93 -7.12 -9.95
CA SER A 181 -5.89 -6.05 -9.77
C SER A 181 -7.29 -6.65 -9.89
N PRO A 182 -8.17 -6.37 -8.95
CA PRO A 182 -9.57 -6.81 -9.09
C PRO A 182 -10.24 -6.01 -10.20
N SER A 183 -11.41 -6.50 -10.65
CA SER A 183 -12.06 -5.98 -11.85
C SER A 183 -12.86 -4.70 -11.61
N ILE A 184 -12.29 -3.73 -10.87
CA ILE A 184 -12.92 -2.43 -10.72
C ILE A 184 -12.99 -1.76 -12.07
N SER A 185 -14.14 -1.15 -12.38
CA SER A 185 -14.29 -0.48 -13.66
C SER A 185 -13.26 0.64 -13.80
N SER A 186 -12.74 0.80 -15.01
CA SER A 186 -11.82 1.91 -15.28
C SER A 186 -12.49 3.25 -15.00
N ASP A 187 -13.81 3.35 -15.20
CA ASP A 187 -14.51 4.60 -14.91
C ASP A 187 -14.33 5.02 -13.45
N GLU A 188 -14.37 4.05 -12.52
CA GLU A 188 -14.24 4.37 -11.11
C GLU A 188 -12.81 4.71 -10.73
N ILE A 189 -11.83 4.15 -11.43
CA ILE A 189 -10.44 4.54 -11.20
C ILE A 189 -10.22 5.97 -11.68
N VAL A 190 -10.71 6.27 -12.89
CA VAL A 190 -10.62 7.63 -13.42
C VAL A 190 -11.33 8.61 -12.49
N ASP A 191 -12.52 8.23 -11.98
CA ASP A 191 -13.26 9.10 -11.08
C ASP A 191 -12.46 9.47 -9.84
N ALA A 192 -11.75 8.51 -9.25
CA ALA A 192 -10.98 8.82 -8.06
C ALA A 192 -9.89 9.83 -8.35
N VAL A 193 -9.21 9.69 -9.49
CA VAL A 193 -8.13 10.62 -9.81
C VAL A 193 -8.67 11.99 -10.20
N VAL A 194 -9.82 12.04 -10.88
CA VAL A 194 -10.47 13.33 -11.14
C VAL A 194 -10.74 14.05 -9.82
N LYS A 195 -11.25 13.32 -8.83
CA LYS A 195 -11.52 13.95 -7.53
C LYS A 195 -10.23 14.42 -6.86
N LEU A 196 -9.14 13.66 -6.99
CA LEU A 196 -7.86 14.12 -6.45
C LEU A 196 -7.40 15.40 -7.14
N VAL A 197 -7.49 15.44 -8.47
CA VAL A 197 -7.06 16.62 -9.22
C VAL A 197 -7.91 17.84 -8.85
N THR A 198 -9.20 17.64 -8.60
CA THR A 198 -10.03 18.74 -8.12
C THR A 198 -9.53 19.24 -6.76
N HIS A 199 -9.12 18.31 -5.90
CA HIS A 199 -8.64 18.68 -4.57
C HIS A 199 -7.29 19.42 -4.64
N ILE A 200 -6.37 18.96 -5.51
CA ILE A 200 -5.01 19.50 -5.56
C ILE A 200 -4.97 20.87 -6.22
N GLY A 201 -5.75 21.07 -7.28
CA GLY A 201 -5.60 22.21 -8.14
C GLY A 201 -4.71 21.87 -9.33
N PRO A 202 -4.26 22.89 -10.05
CA PRO A 202 -3.38 22.67 -11.21
C PRO A 202 -2.20 21.76 -10.89
N CYS A 203 -1.93 20.81 -11.78
CA CYS A 203 -0.95 19.76 -11.51
C CYS A 203 -0.52 19.14 -12.83
N VAL A 204 0.49 18.29 -12.77
CA VAL A 204 0.97 17.52 -13.91
C VAL A 204 0.83 16.04 -13.57
N LEU A 205 0.29 15.25 -14.51
CA LEU A 205 0.22 13.81 -14.31
C LEU A 205 1.43 13.14 -14.93
N VAL A 206 2.07 12.25 -14.18
CA VAL A 206 3.16 11.43 -14.69
C VAL A 206 2.68 9.98 -14.59
N THR A 207 2.43 9.35 -15.74
CA THR A 207 1.79 8.05 -15.80
C THR A 207 2.76 6.99 -16.32
N HIS A 208 2.27 5.76 -16.37
CA HIS A 208 3.12 4.62 -16.68
C HIS A 208 2.24 3.48 -17.16
N ALA A 209 2.58 2.89 -18.31
CA ALA A 209 1.98 1.64 -18.72
C ALA A 209 0.46 1.72 -18.66
N ALA A 210 -0.19 0.90 -17.84
CA ALA A 210 -1.65 0.88 -17.81
C ALA A 210 -2.27 2.23 -17.39
N SER A 211 -1.56 3.06 -16.64
CA SER A 211 -2.16 4.33 -16.26
C SER A 211 -2.08 5.37 -17.34
N GLY A 212 -1.37 5.11 -18.44
CA GLY A 212 -1.29 6.07 -19.52
C GLY A 212 -2.65 6.47 -20.06
N VAL A 213 -3.43 5.49 -20.51
CA VAL A 213 -4.74 5.82 -21.07
C VAL A 213 -5.63 6.43 -20.00
N LEU A 214 -5.49 5.98 -18.74
CA LEU A 214 -6.32 6.51 -17.67
C LEU A 214 -6.00 7.98 -17.41
N GLY A 215 -4.72 8.37 -17.48
CA GLY A 215 -4.37 9.77 -17.30
C GLY A 215 -4.87 10.65 -18.43
N MET A 216 -4.84 10.13 -19.65
CA MET A 216 -5.37 10.85 -20.79
C MET A 216 -6.85 11.14 -20.56
N ARG A 217 -7.59 10.12 -20.07
CA ARG A 217 -8.99 10.28 -19.76
C ARG A 217 -9.21 11.31 -18.66
N VAL A 218 -8.43 11.23 -17.58
CA VAL A 218 -8.57 12.22 -16.50
C VAL A 218 -8.42 13.64 -17.04
N ALA A 219 -7.43 13.87 -17.91
CA ALA A 219 -7.22 15.21 -18.44
C ALA A 219 -8.43 15.71 -19.22
N THR A 220 -9.13 14.83 -19.92
CA THR A 220 -10.33 15.26 -20.65
C THR A 220 -11.47 15.65 -19.72
N HIS A 221 -11.43 15.22 -18.46
CA HIS A 221 -12.45 15.55 -17.48
C HIS A 221 -12.02 16.63 -16.50
N ALA A 222 -10.74 17.02 -16.50
CA ALA A 222 -10.19 17.85 -15.43
C ALA A 222 -9.23 18.86 -16.03
N LYS A 223 -9.67 20.10 -16.17
CA LYS A 223 -8.83 21.16 -16.71
C LYS A 223 -7.64 21.49 -15.81
N ASN A 224 -7.67 21.05 -14.54
CA ASN A 224 -6.51 21.24 -13.68
C ASN A 224 -5.29 20.44 -14.13
N VAL A 225 -5.46 19.40 -14.95
CA VAL A 225 -4.30 18.71 -15.50
C VAL A 225 -3.67 19.63 -16.54
N ARG A 226 -2.47 20.12 -16.26
N ARG A 226 -2.47 20.12 -16.26
CA ARG A 226 -1.79 21.09 -17.10
CA ARG A 226 -1.81 21.09 -17.12
C ARG A 226 -0.71 20.48 -17.96
C ARG A 226 -0.72 20.48 -17.99
N GLY A 227 -0.46 19.19 -17.83
CA GLY A 227 0.55 18.52 -18.62
C GLY A 227 0.52 17.04 -18.27
N ILE A 228 0.98 16.23 -19.21
CA ILE A 228 1.11 14.78 -19.02
C ILE A 228 2.46 14.32 -19.53
N VAL A 229 3.17 13.54 -18.73
CA VAL A 229 4.29 12.74 -19.22
C VAL A 229 3.93 11.29 -18.94
N ALA A 230 3.92 10.45 -19.99
CA ALA A 230 3.52 9.06 -19.88
C ALA A 230 4.71 8.17 -20.24
N TYR A 231 5.17 7.36 -19.29
CA TYR A 231 6.23 6.39 -19.53
C TYR A 231 5.65 5.11 -20.09
N GLU A 232 6.02 4.76 -21.32
CA GLU A 232 5.66 3.49 -21.93
C GLU A 232 4.17 3.15 -21.76
N PRO A 233 3.27 4.02 -22.21
CA PRO A 233 1.84 3.76 -22.05
C PRO A 233 1.41 2.51 -22.79
N ALA A 234 0.44 1.81 -22.22
CA ALA A 234 0.05 0.49 -22.74
C ALA A 234 -1.12 0.51 -23.72
N THR A 235 -2.05 1.46 -23.61
CA THR A 235 -3.23 1.50 -24.48
C THR A 235 -3.31 2.87 -25.13
N SER A 236 -3.49 2.88 -26.46
CA SER A 236 -3.63 4.10 -27.23
C SER A 236 -5.07 4.63 -27.16
N ILE A 237 -5.22 5.91 -27.51
CA ILE A 237 -6.50 6.61 -27.40
C ILE A 237 -6.75 7.43 -28.67
N PHE A 238 -7.98 7.39 -29.16
CA PHE A 238 -8.37 8.05 -30.40
C PHE A 238 -9.77 8.60 -30.26
N PRO A 239 -10.15 9.57 -31.12
CA PRO A 239 -11.56 9.97 -31.17
C PRO A 239 -12.41 8.82 -31.68
N LYS A 240 -13.64 8.74 -31.15
CA LYS A 240 -14.55 7.66 -31.49
C LYS A 240 -14.77 7.62 -33.00
N GLY A 241 -14.72 6.41 -33.56
CA GLY A 241 -14.86 6.18 -34.98
C GLY A 241 -13.67 6.56 -35.83
N LYS A 242 -12.59 7.04 -35.23
CA LYS A 242 -11.44 7.52 -35.99
C LYS A 242 -10.17 6.76 -35.66
N VAL A 243 -10.29 5.52 -35.23
CA VAL A 243 -9.08 4.71 -35.01
C VAL A 243 -8.44 4.40 -36.36
N PRO A 244 -7.16 4.73 -36.56
CA PRO A 244 -6.51 4.39 -37.83
C PRO A 244 -6.29 2.89 -37.95
N GLU A 245 -5.90 2.50 -39.17
CA GLU A 245 -5.52 1.11 -39.39
C GLU A 245 -4.26 0.79 -38.61
N ILE A 246 -4.34 -0.28 -37.82
CA ILE A 246 -3.21 -0.73 -37.00
C ILE A 246 -2.98 -2.19 -37.36
N PRO A 247 -1.77 -2.57 -37.75
CA PRO A 247 -1.54 -3.95 -38.21
C PRO A 247 -1.58 -4.93 -37.07
N PRO A 248 -1.88 -6.20 -37.35
CA PRO A 248 -1.71 -7.24 -36.34
C PRO A 248 -0.23 -7.47 -36.07
N LEU A 249 0.04 -8.28 -35.04
CA LEU A 249 1.42 -8.61 -34.71
C LEU A 249 1.99 -9.58 -35.73
N ALA A 250 3.30 -9.85 -35.60
CA ALA A 250 4.00 -10.69 -36.56
C ALA A 250 3.48 -12.12 -36.57
N ASP A 251 2.88 -12.58 -35.48
CA ASP A 251 2.30 -13.92 -35.50
C ASP A 251 1.04 -14.00 -36.36
N LYS A 252 0.62 -12.88 -36.95
CA LYS A 252 -0.51 -12.75 -37.87
C LYS A 252 -1.86 -13.00 -37.21
N LYS A 253 -1.90 -13.20 -35.91
CA LYS A 253 -3.11 -13.49 -35.23
C LYS A 253 -3.39 -12.58 -34.04
N SER A 254 -2.35 -12.12 -33.39
CA SER A 254 -2.53 -11.28 -32.25
C SER A 254 -2.66 -9.83 -32.60
N GLN A 255 -3.23 -9.07 -31.68
CA GLN A 255 -3.32 -7.66 -31.86
C GLN A 255 -2.88 -6.96 -30.58
N ILE A 256 -2.68 -5.67 -30.67
CA ILE A 256 -2.37 -4.88 -29.49
C ILE A 256 -3.65 -4.63 -28.70
N PHE A 257 -3.54 -3.87 -27.62
CA PHE A 257 -4.69 -3.57 -26.85
C PHE A 257 -5.68 -2.71 -27.69
N PRO A 258 -6.99 -3.11 -27.74
CA PRO A 258 -7.96 -2.29 -28.48
C PRO A 258 -7.88 -0.84 -28.03
N PRO A 259 -7.65 0.08 -28.95
CA PRO A 259 -7.53 1.49 -28.54
C PRO A 259 -8.82 1.99 -27.90
N PHE A 260 -8.65 2.84 -26.90
CA PHE A 260 -9.78 3.49 -26.25
C PHE A 260 -10.29 4.61 -27.12
N GLU A 261 -11.61 4.68 -27.26
CA GLU A 261 -12.24 5.69 -28.10
C GLU A 261 -13.07 6.62 -27.23
N ILE A 262 -12.88 7.92 -27.39
CA ILE A 262 -13.63 8.90 -26.62
C ILE A 262 -14.29 9.89 -27.59
N GLN A 263 -15.37 10.51 -27.13
CA GLN A 263 -16.04 11.52 -27.94
C GLN A 263 -15.05 12.61 -28.34
N GLU A 264 -15.17 13.09 -29.58
CA GLU A 264 -14.19 14.04 -30.10
C GLU A 264 -14.12 15.31 -29.26
N SER A 265 -15.25 15.76 -28.71
CA SER A 265 -15.24 16.98 -27.89
C SER A 265 -14.34 16.80 -26.67
N TYR A 266 -14.27 15.59 -26.12
CA TYR A 266 -13.36 15.31 -25.02
C TYR A 266 -11.93 15.12 -25.52
N PHE A 267 -11.76 14.39 -26.63
CA PHE A 267 -10.42 14.21 -27.19
C PHE A 267 -9.75 15.54 -27.45
N LYS A 268 -10.51 16.53 -27.94
CA LYS A 268 -9.94 17.84 -28.25
C LYS A 268 -9.32 18.51 -27.04
N LYS A 269 -9.74 18.17 -25.83
CA LYS A 269 -9.14 18.77 -24.63
C LYS A 269 -7.67 18.40 -24.50
N LEU A 270 -7.27 17.26 -25.08
CA LEU A 270 -5.87 16.84 -25.03
C LEU A 270 -4.98 17.76 -25.85
N ALA A 271 -5.55 18.52 -26.80
CA ALA A 271 -4.77 19.46 -27.59
C ALA A 271 -4.44 20.74 -26.85
N LYS A 272 -4.95 20.93 -25.62
CA LYS A 272 -4.76 22.19 -24.90
C LYS A 272 -3.59 22.17 -23.94
N ILE A 273 -2.91 21.04 -23.77
CA ILE A 273 -1.84 20.92 -22.78
C ILE A 273 -0.68 20.18 -23.40
N PRO A 274 0.54 20.42 -22.89
CA PRO A 274 1.71 19.68 -23.38
C PRO A 274 1.64 18.23 -22.90
N ILE A 275 1.91 17.31 -23.82
CA ILE A 275 1.87 15.87 -23.56
C ILE A 275 3.12 15.25 -24.16
N GLN A 276 3.83 14.46 -23.37
CA GLN A 276 5.00 13.73 -23.86
C GLN A 276 4.86 12.26 -23.50
N PHE A 277 5.06 11.38 -24.48
CA PHE A 277 5.17 9.95 -24.23
C PHE A 277 6.65 9.57 -24.32
N VAL A 278 7.13 8.80 -23.35
CA VAL A 278 8.55 8.44 -23.25
C VAL A 278 8.69 6.94 -23.43
N PHE A 279 9.57 6.52 -24.34
CA PHE A 279 9.83 5.11 -24.58
C PHE A 279 11.30 4.79 -24.35
N GLY A 280 11.55 3.61 -23.78
CA GLY A 280 12.89 3.11 -23.57
C GLY A 280 13.44 2.42 -24.79
N ASP A 281 14.31 1.45 -24.58
CA ASP A 281 15.10 0.83 -25.64
C ASP A 281 14.61 -0.58 -25.94
N ASN A 282 15.22 -1.16 -26.97
CA ASN A 282 15.02 -2.55 -27.35
C ASN A 282 13.62 -2.85 -27.87
N ILE A 283 12.93 -1.84 -28.37
CA ILE A 283 11.69 -2.02 -29.13
C ILE A 283 12.10 -2.24 -30.59
N PRO A 284 11.79 -3.39 -31.18
CA PRO A 284 12.28 -3.65 -32.54
C PRO A 284 11.63 -2.73 -33.57
N LYS A 285 12.41 -2.42 -34.59
CA LYS A 285 11.89 -1.66 -35.72
C LYS A 285 11.09 -2.53 -36.66
N ASN A 286 11.42 -3.83 -36.74
CA ASN A 286 10.85 -4.74 -37.71
C ASN A 286 10.10 -5.86 -37.02
N PRO A 287 9.17 -6.52 -37.72
CA PRO A 287 8.40 -7.62 -37.10
C PRO A 287 9.30 -8.65 -36.46
N LYS A 288 8.83 -9.22 -35.35
CA LYS A 288 9.63 -10.12 -34.51
C LYS A 288 8.70 -11.22 -33.98
N SER A 289 8.42 -12.22 -34.82
CA SER A 289 7.46 -13.25 -34.46
C SER A 289 7.96 -14.16 -33.35
N ALA A 290 9.26 -14.21 -33.09
CA ALA A 290 9.77 -15.11 -32.05
C ALA A 290 9.56 -14.57 -30.65
N TYR A 291 9.28 -13.27 -30.50
CA TYR A 291 9.27 -12.60 -29.19
C TYR A 291 8.01 -11.73 -29.14
N TRP A 292 6.94 -12.34 -28.64
CA TRP A 292 5.61 -11.73 -28.70
C TRP A 292 5.58 -10.33 -28.11
N PHE A 293 6.14 -10.14 -26.92
CA PHE A 293 6.01 -8.84 -26.28
C PHE A 293 6.89 -7.77 -26.91
N LEU A 294 8.03 -8.15 -27.48
CA LEU A 294 8.83 -7.19 -28.24
C LEU A 294 8.04 -6.68 -29.44
N ASP A 295 7.40 -7.61 -30.17
CA ASP A 295 6.60 -7.22 -31.32
C ASP A 295 5.38 -6.40 -30.89
N TRP A 296 4.78 -6.76 -29.76
CA TRP A 296 3.66 -5.99 -29.22
C TRP A 296 4.06 -4.56 -28.95
N TRP A 297 5.25 -4.33 -28.38
CA TRP A 297 5.70 -2.96 -28.13
C TRP A 297 5.94 -2.20 -29.43
N ARG A 298 6.47 -2.88 -30.45
CA ARG A 298 6.65 -2.22 -31.75
C ARG A 298 5.34 -1.67 -32.27
N VAL A 299 4.29 -2.48 -32.26
CA VAL A 299 3.01 -2.03 -32.82
C VAL A 299 2.33 -1.04 -31.87
N THR A 300 2.47 -1.25 -30.55
CA THR A 300 1.87 -0.32 -29.59
C THR A 300 2.51 1.06 -29.69
N ARG A 301 3.84 1.11 -29.77
CA ARG A 301 4.51 2.40 -29.96
C ARG A 301 4.03 3.07 -31.24
N TYR A 302 3.89 2.29 -32.33
CA TYR A 302 3.36 2.83 -33.58
C TYR A 302 1.96 3.43 -33.37
N ALA A 303 1.07 2.69 -32.71
CA ALA A 303 -0.27 3.22 -32.45
C ALA A 303 -0.22 4.53 -31.65
N HIS A 304 0.66 4.60 -30.65
CA HIS A 304 0.76 5.85 -29.90
C HIS A 304 1.24 6.99 -30.79
N SER A 305 2.17 6.73 -31.71
CA SER A 305 2.62 7.78 -32.61
C SER A 305 1.45 8.36 -33.42
N LEU A 306 0.51 7.50 -33.82
CA LEU A 306 -0.66 7.97 -34.55
C LEU A 306 -1.61 8.74 -33.64
N SER A 307 -1.75 8.29 -32.39
CA SER A 307 -2.55 9.01 -31.40
C SER A 307 -2.02 10.42 -31.17
N LEU A 308 -0.71 10.54 -30.96
CA LEU A 308 -0.11 11.85 -30.77
C LEU A 308 -0.28 12.72 -32.01
N GLU A 309 -0.16 12.12 -33.20
CA GLU A 309 -0.36 12.88 -34.42
C GLU A 309 -1.78 13.39 -34.52
N ALA A 310 -2.77 12.59 -34.12
CA ALA A 310 -4.16 13.05 -34.10
C ALA A 310 -4.35 14.25 -33.17
N ILE A 311 -3.70 14.22 -32.00
CA ILE A 311 -3.77 15.35 -31.07
C ILE A 311 -3.15 16.58 -31.70
N ASN A 312 -2.00 16.41 -32.36
CA ASN A 312 -1.34 17.55 -32.99
C ASN A 312 -2.14 18.13 -34.16
N LYS A 313 -2.88 17.29 -34.89
CA LYS A 313 -3.67 17.81 -36.00
C LYS A 313 -4.82 18.67 -35.50
N LEU A 314 -5.20 18.51 -34.22
CA LEU A 314 -6.21 19.31 -33.57
C LEU A 314 -5.62 20.50 -32.83
N GLY A 315 -4.35 20.81 -33.08
CA GLY A 315 -3.71 21.97 -32.52
C GLY A 315 -2.89 21.71 -31.28
N GLY A 316 -2.60 20.44 -30.99
CA GLY A 316 -2.00 20.04 -29.75
C GLY A 316 -0.51 20.30 -29.69
N GLN A 317 0.07 19.85 -28.56
CA GLN A 317 1.49 19.98 -28.25
C GLN A 317 1.99 18.64 -27.74
N ALA A 318 1.89 17.62 -28.59
CA ALA A 318 2.13 16.24 -28.20
C ALA A 318 3.41 15.76 -28.85
N SER A 319 4.21 15.00 -28.10
CA SER A 319 5.48 14.55 -28.63
C SER A 319 5.84 13.17 -28.09
N LEU A 320 6.69 12.48 -28.83
CA LEU A 320 7.20 11.16 -28.48
C LEU A 320 8.70 11.28 -28.29
N LEU A 321 9.17 10.89 -27.11
CA LEU A 321 10.60 10.91 -26.80
C LEU A 321 11.07 9.47 -26.71
N ASP A 322 11.91 9.06 -27.65
CA ASP A 322 12.61 7.79 -27.55
C ASP A 322 13.92 8.04 -26.82
N LEU A 323 14.06 7.44 -25.63
CA LEU A 323 15.25 7.68 -24.82
C LEU A 323 16.56 7.47 -25.57
N PRO A 324 16.71 6.47 -26.44
CA PRO A 324 17.98 6.35 -27.19
C PRO A 324 18.34 7.58 -28.02
N THR A 325 17.34 8.31 -28.55
CA THR A 325 17.65 9.53 -29.30
C THR A 325 18.22 10.62 -28.40
N ALA A 326 17.95 10.56 -27.11
CA ALA A 326 18.55 11.48 -26.15
C ALA A 326 19.87 10.96 -25.61
N GLY A 327 20.35 9.84 -26.13
CA GLY A 327 21.62 9.28 -25.72
C GLY A 327 21.56 8.31 -24.56
N LEU A 328 20.37 7.89 -24.15
CA LEU A 328 20.23 6.91 -23.09
C LEU A 328 19.90 5.56 -23.70
N ARG A 329 20.73 4.57 -23.44
CA ARG A 329 20.59 3.26 -24.06
C ARG A 329 20.25 2.21 -23.01
N GLY A 330 19.41 1.25 -23.40
CA GLY A 330 19.12 0.09 -22.59
C GLY A 330 17.96 0.19 -21.62
N ASN A 331 17.18 1.27 -21.66
CA ASN A 331 16.10 1.39 -20.68
C ASN A 331 15.03 0.33 -20.89
N THR A 332 14.49 -0.14 -19.77
CA THR A 332 13.37 -1.05 -19.74
C THR A 332 12.06 -0.26 -19.83
N ALA A 333 10.95 -0.95 -19.63
CA ALA A 333 9.65 -0.30 -19.60
C ALA A 333 9.38 0.43 -18.28
N PHE A 334 10.32 0.42 -17.34
CA PHE A 334 10.25 1.23 -16.12
C PHE A 334 11.50 2.13 -16.10
N PRO A 335 11.61 3.10 -17.02
CA PRO A 335 12.86 3.88 -17.06
C PRO A 335 13.18 4.62 -15.76
N PHE A 336 12.14 4.99 -15.01
CA PHE A 336 12.29 5.71 -13.76
C PHE A 336 12.79 4.86 -12.58
N THR A 337 12.95 3.54 -12.75
CA THR A 337 13.67 2.75 -11.74
C THR A 337 14.95 2.11 -12.27
N ASP A 338 15.30 2.35 -13.54
CA ASP A 338 16.51 1.80 -14.12
C ASP A 338 17.76 2.48 -13.51
N ARG A 339 18.93 1.92 -13.86
CA ARG A 339 20.18 2.41 -13.29
C ARG A 339 20.49 3.84 -13.66
N ASN A 340 19.99 4.31 -14.81
CA ASN A 340 20.19 5.68 -15.27
C ASN A 340 18.98 6.56 -14.96
N ASN A 341 18.20 6.22 -13.93
CA ASN A 341 16.98 6.98 -13.67
C ASN A 341 17.22 8.44 -13.35
N VAL A 342 18.42 8.81 -12.89
CA VAL A 342 18.70 10.24 -12.67
C VAL A 342 18.72 10.99 -14.01
N GLN A 343 19.29 10.36 -15.04
CA GLN A 343 19.29 10.98 -16.36
C GLN A 343 17.88 11.02 -16.94
N VAL A 344 17.08 9.98 -16.70
CA VAL A 344 15.68 10.01 -17.12
C VAL A 344 14.95 11.16 -16.42
N ALA A 345 15.22 11.34 -15.12
CA ALA A 345 14.58 12.43 -14.39
C ALA A 345 14.99 13.78 -14.95
N SER A 346 16.26 13.93 -15.35
CA SER A 346 16.71 15.17 -15.96
C SER A 346 15.88 15.52 -17.18
N LEU A 347 15.54 14.53 -18.00
CA LEU A 347 14.71 14.79 -19.17
C LEU A 347 13.30 15.19 -18.79
N LEU A 348 12.76 14.66 -17.68
CA LEU A 348 11.46 15.10 -17.20
C LEU A 348 11.53 16.54 -16.72
N SER A 349 12.58 16.89 -15.96
CA SER A 349 12.80 18.28 -15.57
C SER A 349 12.87 19.20 -16.78
N ASP A 350 13.53 18.74 -17.85
CA ASP A 350 13.62 19.56 -19.07
C ASP A 350 12.24 19.84 -19.65
N PHE A 351 11.37 18.81 -19.72
CA PHE A 351 10.01 19.00 -20.22
C PHE A 351 9.23 19.99 -19.37
N LEU A 352 9.30 19.82 -18.05
CA LEU A 352 8.61 20.73 -17.16
C LEU A 352 9.11 22.16 -17.34
N GLY A 353 10.43 22.33 -17.47
CA GLY A 353 11.00 23.66 -17.66
C GLY A 353 10.61 24.29 -18.99
N LYS A 354 10.58 23.49 -20.05
CA LYS A 354 10.22 24.02 -21.38
C LYS A 354 8.85 24.67 -21.38
N HIS A 355 7.92 24.12 -20.61
CA HIS A 355 6.54 24.58 -20.61
C HIS A 355 6.20 25.41 -19.38
N GLY A 356 7.20 25.80 -18.60
CA GLY A 356 6.96 26.65 -17.45
C GLY A 356 6.26 25.97 -16.29
N LEU A 357 6.16 24.63 -16.31
CA LEU A 357 5.52 23.86 -15.24
C LEU A 357 6.39 23.78 -14.00
N ASP A 358 7.59 24.36 -14.01
CA ASP A 358 8.48 24.45 -12.86
C ASP A 358 8.61 25.87 -12.34
N GLN A 359 7.68 26.76 -12.73
CA GLN A 359 7.66 28.14 -12.27
C GLN A 359 6.31 28.45 -11.63
N ASN A 360 6.33 29.39 -10.67
CA ASN A 360 5.12 29.73 -9.94
C ASN A 360 4.18 30.66 -10.71
N LYS B 12 5.66 22.40 13.09
CA LYS B 12 5.31 21.08 13.60
C LYS B 12 5.28 20.04 12.48
N ARG B 13 5.24 20.50 11.23
CA ARG B 13 5.16 19.54 10.13
C ARG B 13 6.49 19.27 9.43
N LYS B 14 7.49 20.13 9.60
CA LYS B 14 8.75 19.99 8.86
C LYS B 14 9.52 18.75 9.31
N VAL B 15 10.18 18.10 8.35
CA VAL B 15 10.94 16.88 8.60
C VAL B 15 12.17 16.89 7.70
N VAL B 16 13.34 16.60 8.28
CA VAL B 16 14.60 16.55 7.54
C VAL B 16 15.08 15.10 7.52
N LEU B 17 15.17 14.51 6.34
CA LEU B 17 15.53 13.10 6.20
C LEU B 17 16.92 12.95 5.63
N ALA B 18 17.79 12.23 6.33
CA ALA B 18 19.05 11.82 5.73
C ALA B 18 18.82 10.90 4.55
N GLU B 19 17.78 10.06 4.63
CA GLU B 19 17.41 9.18 3.53
C GLU B 19 16.01 8.67 3.78
N GLN B 20 15.36 8.25 2.71
CA GLN B 20 14.07 7.58 2.80
C GLN B 20 13.97 6.59 1.65
N GLY B 21 13.05 5.65 1.78
CA GLY B 21 12.85 4.72 0.70
C GLY B 21 11.96 3.58 1.13
N SER B 22 11.87 2.59 0.24
CA SER B 22 11.07 1.41 0.55
C SER B 22 11.63 0.22 -0.19
N PHE B 23 11.26 -0.96 0.28
CA PHE B 23 11.76 -2.20 -0.29
C PHE B 23 10.81 -3.35 0.06
N TYR B 24 10.96 -4.45 -0.64
CA TYR B 24 10.25 -5.69 -0.34
C TYR B 24 11.19 -6.67 0.35
N ILE B 25 10.64 -7.46 1.27
CA ILE B 25 11.41 -8.48 1.98
C ILE B 25 10.50 -9.65 2.30
N GLY B 26 11.09 -10.83 2.40
CA GLY B 26 10.33 -12.01 2.77
C GLY B 26 9.53 -12.57 1.61
N GLY B 27 8.76 -13.61 1.91
CA GLY B 27 7.94 -14.27 0.92
C GLY B 27 8.63 -15.48 0.33
N ARG B 28 7.89 -16.14 -0.57
CA ARG B 28 8.35 -17.36 -1.22
C ARG B 28 7.83 -17.35 -2.65
N THR B 29 8.09 -18.41 -3.40
CA THR B 29 7.56 -18.54 -4.75
C THR B 29 6.76 -19.82 -4.88
N VAL B 30 5.73 -19.77 -5.73
CA VAL B 30 4.98 -20.93 -6.16
C VAL B 30 4.92 -20.91 -7.68
N THR B 31 4.66 -22.06 -8.28
CA THR B 31 4.75 -22.20 -9.73
C THR B 31 3.55 -22.92 -10.31
N GLY B 32 3.22 -22.51 -11.53
CA GLY B 32 2.24 -23.20 -12.33
C GLY B 32 2.87 -24.32 -13.14
N PRO B 33 2.04 -25.09 -13.82
CA PRO B 33 2.55 -26.19 -14.64
C PRO B 33 3.09 -25.70 -15.97
N GLY B 34 3.95 -26.53 -16.57
CA GLY B 34 4.39 -26.28 -17.92
C GLY B 34 5.57 -25.33 -18.02
N LYS B 35 5.80 -24.85 -19.24
CA LYS B 35 6.92 -23.99 -19.57
C LYS B 35 6.42 -22.76 -20.30
N PHE B 36 7.11 -21.65 -20.07
CA PHE B 36 6.75 -20.38 -20.68
C PHE B 36 7.41 -20.26 -22.04
N ASP B 37 6.62 -19.88 -23.05
CA ASP B 37 7.10 -19.72 -24.42
C ASP B 37 6.98 -18.25 -24.79
N PRO B 38 8.08 -17.52 -24.96
CA PRO B 38 7.99 -16.08 -25.26
C PRO B 38 7.40 -15.76 -26.62
N SER B 39 7.23 -16.74 -27.50
CA SER B 39 6.64 -16.48 -28.80
C SER B 39 5.12 -16.55 -28.79
N LYS B 40 4.53 -17.15 -27.76
CA LYS B 40 3.09 -17.26 -27.62
C LYS B 40 2.52 -16.00 -26.97
N PRO B 41 1.24 -15.70 -27.18
CA PRO B 41 0.66 -14.48 -26.60
C PRO B 41 0.78 -14.49 -25.08
N VAL B 42 1.33 -13.41 -24.54
CA VAL B 42 1.57 -13.32 -23.09
C VAL B 42 0.31 -12.84 -22.37
N ILE B 43 -0.56 -12.10 -23.06
CA ILE B 43 -1.86 -11.66 -22.58
C ILE B 43 -2.90 -12.39 -23.44
N ARG B 44 -3.95 -12.94 -22.83
CA ARG B 44 -4.27 -12.94 -21.40
C ARG B 44 -3.30 -13.76 -20.58
N TYR B 45 -3.06 -13.30 -19.35
CA TYR B 45 -2.12 -13.98 -18.46
C TYR B 45 -2.63 -15.37 -18.09
N SER B 46 -1.70 -16.30 -17.97
CA SER B 46 -2.01 -17.70 -17.70
C SER B 46 -1.04 -18.21 -16.65
N ASN B 47 -1.41 -19.30 -15.97
CA ASN B 47 -0.49 -19.92 -15.03
C ASN B 47 0.57 -20.77 -15.70
N GLU B 48 0.53 -20.94 -17.02
CA GLU B 48 1.43 -21.89 -17.67
C GLU B 48 2.86 -21.38 -17.64
N GLY B 49 3.77 -22.22 -17.12
CA GLY B 49 5.15 -21.82 -16.96
C GLY B 49 5.38 -20.68 -15.98
N ALA B 50 4.44 -20.44 -15.09
CA ALA B 50 4.45 -19.23 -14.28
C ALA B 50 5.17 -19.44 -12.95
N THR B 51 5.95 -18.45 -12.55
CA THR B 51 6.48 -18.31 -11.21
C THR B 51 5.81 -17.09 -10.59
N PHE B 52 5.27 -17.25 -9.38
CA PHE B 52 4.62 -16.16 -8.65
C PHE B 52 5.33 -15.95 -7.32
N TYR B 53 5.70 -14.70 -7.04
CA TYR B 53 6.20 -14.33 -5.72
C TYR B 53 5.02 -14.04 -4.81
N ILE B 54 4.94 -14.73 -3.68
CA ILE B 54 3.81 -14.59 -2.77
C ILE B 54 4.27 -14.31 -1.36
N ASN B 55 3.42 -13.60 -0.62
CA ASN B 55 3.56 -13.41 0.82
C ASN B 55 4.72 -12.51 1.23
N GLN B 56 5.24 -11.74 0.28
CA GLN B 56 6.26 -10.74 0.59
C GLN B 56 5.63 -9.53 1.30
N MET B 57 6.49 -8.80 2.01
CA MET B 57 6.16 -7.62 2.80
C MET B 57 6.73 -6.36 2.21
N TYR B 58 5.97 -5.27 2.29
CA TYR B 58 6.45 -3.95 1.91
C TYR B 58 6.95 -3.22 3.17
N VAL B 59 8.10 -2.55 3.04
CA VAL B 59 8.73 -1.82 4.15
C VAL B 59 9.12 -0.43 3.67
N ASN B 60 8.75 0.59 4.43
CA ASN B 60 9.17 1.97 4.19
C ASN B 60 10.06 2.41 5.33
N PHE B 61 11.08 3.21 5.05
CA PHE B 61 11.93 3.77 6.10
C PHE B 61 12.17 5.25 5.87
N GLN B 62 12.32 5.99 6.97
CA GLN B 62 12.73 7.39 6.95
C GLN B 62 13.75 7.55 8.06
N ALA B 63 14.94 8.01 7.71
CA ALA B 63 16.02 8.18 8.67
C ALA B 63 16.31 9.65 8.89
N PRO B 64 16.37 10.11 10.12
CA PRO B 64 16.73 11.51 10.39
C PRO B 64 18.23 11.71 10.27
N VAL B 65 18.63 12.98 10.22
CA VAL B 65 20.05 13.30 10.40
C VAL B 65 20.42 13.04 11.85
N ARG B 66 21.55 12.37 12.06
CA ARG B 66 22.04 12.06 13.40
C ARG B 66 21.00 11.31 14.24
N PRO B 67 20.64 10.08 13.84
CA PRO B 67 19.69 9.32 14.66
C PRO B 67 20.28 9.05 16.03
N ARG B 68 19.40 8.90 17.01
CA ARG B 68 19.82 8.47 18.33
C ARG B 68 19.01 7.23 18.70
N GLY B 69 19.66 6.29 19.37
CA GLY B 69 18.89 5.15 19.83
C GLY B 69 18.49 4.22 18.70
N LEU B 70 17.53 3.36 19.01
CA LEU B 70 17.22 2.26 18.11
C LEU B 70 16.13 2.65 17.11
N PRO B 71 16.17 2.07 15.92
CA PRO B 71 15.07 2.28 14.98
C PRO B 71 13.78 1.69 15.54
N LEU B 72 12.67 2.33 15.18
CA LEU B 72 11.34 1.89 15.57
C LEU B 72 10.65 1.26 14.38
N VAL B 73 10.00 0.12 14.58
CA VAL B 73 9.23 -0.58 13.54
C VAL B 73 7.77 -0.47 13.93
N PHE B 74 6.99 0.30 13.18
CA PHE B 74 5.57 0.50 13.45
C PHE B 74 4.78 -0.51 12.61
N TRP B 75 3.95 -1.31 13.29
CA TRP B 75 3.25 -2.45 12.71
C TRP B 75 1.75 -2.27 12.92
N HIS B 76 1.05 -1.99 11.82
CA HIS B 76 -0.38 -1.70 11.80
C HIS B 76 -1.20 -2.88 12.32
N GLY B 77 -2.40 -2.57 12.79
CA GLY B 77 -3.33 -3.58 13.26
C GLY B 77 -4.08 -4.23 12.12
N GLY B 78 -5.09 -5.03 12.50
CA GLY B 78 -5.75 -5.88 11.54
C GLY B 78 -6.52 -5.08 10.50
N GLY B 79 -6.35 -5.44 9.23
CA GLY B 79 -7.06 -4.77 8.17
C GLY B 79 -6.55 -3.38 7.84
N LEU B 80 -5.36 -3.02 8.31
CA LEU B 80 -4.81 -1.67 8.14
C LEU B 80 -3.53 -1.72 7.30
N THR B 81 -2.89 -0.56 7.19
CA THR B 81 -1.62 -0.41 6.49
C THR B 81 -0.78 0.62 7.23
N GLY B 82 0.43 0.84 6.72
CA GLY B 82 1.30 1.86 7.25
C GLY B 82 0.73 3.27 7.22
N HIS B 83 -0.34 3.51 6.45
CA HIS B 83 -0.99 4.83 6.45
C HIS B 83 -1.26 5.33 7.88
N ILE B 84 -1.63 4.43 8.79
CA ILE B 84 -2.08 4.87 10.11
C ILE B 84 -0.96 5.49 10.92
N TRP B 85 0.29 5.24 10.55
CA TRP B 85 1.44 5.88 11.18
C TRP B 85 1.89 7.13 10.43
N GLU B 86 1.39 7.34 9.21
CA GLU B 86 1.79 8.50 8.41
C GLU B 86 1.00 9.74 8.79
N SER B 87 -0.33 9.60 8.89
CA SER B 87 -1.21 10.73 9.14
C SER B 87 -2.43 10.22 9.87
N THR B 88 -3.08 11.14 10.58
CA THR B 88 -4.38 10.87 11.19
C THR B 88 -5.46 11.06 10.14
N PRO B 89 -6.71 10.63 10.40
CA PRO B 89 -7.76 10.79 9.39
C PRO B 89 -8.03 12.23 9.03
N ASP B 90 -7.80 13.16 9.95
CA ASP B 90 -7.97 14.58 9.70
C ASP B 90 -6.68 15.27 9.25
N GLY B 91 -5.64 14.51 8.90
CA GLY B 91 -4.50 15.10 8.23
C GLY B 91 -3.41 15.64 9.15
N ARG B 92 -3.47 15.33 10.44
CA ARG B 92 -2.38 15.70 11.34
C ARG B 92 -1.23 14.69 11.23
N PRO B 93 -0.02 15.10 11.60
CA PRO B 93 1.13 14.18 11.52
C PRO B 93 0.91 12.91 12.34
N GLY B 94 1.26 11.78 11.73
CA GLY B 94 1.28 10.52 12.42
C GLY B 94 2.61 10.28 13.12
N PHE B 95 2.68 9.12 13.79
CA PHE B 95 3.87 8.77 14.56
C PHE B 95 5.14 8.68 13.72
N GLN B 96 5.03 8.37 12.42
CA GLN B 96 6.21 8.39 11.55
C GLN B 96 6.91 9.74 11.61
N THR B 97 6.18 10.82 11.30
CA THR B 97 6.75 12.17 11.38
C THR B 97 7.20 12.49 12.80
N LEU B 98 6.36 12.21 13.79
CA LEU B 98 6.68 12.61 15.16
C LEU B 98 7.97 11.95 15.64
N PHE B 99 8.20 10.70 15.26
CA PHE B 99 9.39 10.01 15.74
C PHE B 99 10.64 10.25 14.92
N VAL B 100 10.50 10.61 13.65
CA VAL B 100 11.66 11.10 12.91
C VAL B 100 12.10 12.44 13.51
N GLN B 101 11.14 13.30 13.87
CA GLN B 101 11.46 14.53 14.59
C GLN B 101 12.10 14.23 15.95
N ASP B 102 11.71 13.13 16.60
CA ASP B 102 12.31 12.70 17.86
C ASP B 102 13.64 11.97 17.63
N ARG B 103 14.17 12.03 16.41
CA ARG B 103 15.51 11.55 16.07
C ARG B 103 15.65 10.03 16.03
N HIS B 104 14.57 9.31 15.75
CA HIS B 104 14.65 7.88 15.52
C HIS B 104 14.44 7.61 14.03
N THR B 105 15.20 6.66 13.50
CA THR B 105 14.86 6.08 12.20
C THR B 105 13.56 5.30 12.37
N VAL B 106 12.64 5.49 11.44
CA VAL B 106 11.30 4.91 11.54
C VAL B 106 11.07 4.00 10.34
N TYR B 107 10.73 2.75 10.62
CA TYR B 107 10.23 1.80 9.63
C TYR B 107 8.74 1.65 9.80
N THR B 108 8.00 1.67 8.69
CA THR B 108 6.59 1.32 8.67
C THR B 108 6.40 0.21 7.65
N ILE B 109 5.59 -0.78 7.97
CA ILE B 109 5.39 -1.95 7.10
C ILE B 109 3.94 -2.02 6.64
N ASP B 110 3.74 -2.67 5.50
CA ASP B 110 2.45 -3.23 5.10
C ASP B 110 2.69 -4.74 5.09
N GLN B 111 2.11 -5.45 6.07
CA GLN B 111 2.43 -6.86 6.24
C GLN B 111 1.92 -7.68 5.05
N PRO B 112 2.44 -8.90 4.85
CA PRO B 112 1.89 -9.74 3.78
C PRO B 112 0.38 -9.81 3.88
N GLY B 113 -0.29 -9.62 2.74
CA GLY B 113 -1.73 -9.66 2.67
C GLY B 113 -2.43 -8.33 2.86
N ARG B 114 -1.70 -7.25 3.10
CA ARG B 114 -2.29 -5.94 3.39
C ARG B 114 -1.56 -4.86 2.61
N GLY B 115 -2.32 -3.92 2.06
CA GLY B 115 -1.71 -2.78 1.40
C GLY B 115 -0.74 -3.20 0.32
N ARG B 116 0.48 -2.66 0.39
CA ARG B 116 1.51 -2.94 -0.58
C ARG B 116 2.17 -4.29 -0.38
N GLY B 117 1.85 -5.00 0.71
CA GLY B 117 2.24 -6.40 0.80
C GLY B 117 1.50 -7.24 -0.23
N ASN B 118 1.98 -8.46 -0.44
CA ASN B 118 1.38 -9.29 -1.48
C ASN B 118 0.02 -9.85 -1.06
N ILE B 119 -0.90 -9.89 -2.02
CA ILE B 119 -2.14 -10.64 -1.90
C ILE B 119 -2.02 -11.84 -2.84
N PRO B 120 -1.88 -13.07 -2.32
CA PRO B 120 -1.54 -14.21 -3.18
C PRO B 120 -2.70 -14.77 -3.97
N THR B 121 -2.86 -14.28 -5.19
CA THR B 121 -3.87 -14.77 -6.11
C THR B 121 -3.29 -14.84 -7.51
N PHE B 122 -3.96 -15.59 -8.37
CA PHE B 122 -3.36 -16.07 -9.62
C PHE B 122 -4.36 -15.93 -10.76
N ASN B 123 -4.34 -16.86 -11.70
CA ASN B 123 -5.36 -16.91 -12.76
C ASN B 123 -6.33 -18.02 -12.40
N GLY B 124 -7.50 -17.63 -11.89
CA GLY B 124 -8.45 -18.56 -11.37
C GLY B 124 -9.21 -17.96 -10.21
N PRO B 125 -10.09 -18.74 -9.59
CA PRO B 125 -10.80 -18.26 -8.40
C PRO B 125 -9.81 -17.72 -7.37
N PHE B 126 -10.18 -16.64 -6.71
CA PHE B 126 -9.30 -15.95 -5.77
C PHE B 126 -8.53 -16.91 -4.87
N GLY B 127 -7.21 -16.75 -4.85
CA GLY B 127 -6.35 -17.51 -3.96
C GLY B 127 -6.00 -18.91 -4.43
N GLN B 128 -6.54 -19.37 -5.56
CA GLN B 128 -6.36 -20.75 -6.00
C GLN B 128 -5.36 -20.79 -7.15
N LEU B 129 -4.35 -21.64 -7.00
CA LEU B 129 -3.35 -21.87 -8.05
C LEU B 129 -3.58 -23.30 -8.53
N GLU B 130 -4.22 -23.44 -9.69
CA GLU B 130 -4.64 -24.74 -10.17
C GLU B 130 -5.47 -25.46 -9.11
N GLU B 131 -5.01 -26.62 -8.65
CA GLU B 131 -5.76 -27.36 -7.64
C GLU B 131 -5.45 -26.96 -6.20
N GLU B 132 -4.47 -26.08 -5.98
CA GLU B 132 -4.01 -25.76 -4.64
C GLU B 132 -4.64 -24.47 -4.15
N SER B 133 -5.19 -24.52 -2.94
CA SER B 133 -5.73 -23.32 -2.27
C SER B 133 -4.60 -22.65 -1.49
N ILE B 134 -4.09 -21.54 -2.02
CA ILE B 134 -3.05 -20.80 -1.31
C ILE B 134 -3.66 -19.94 -0.20
N VAL B 135 -4.73 -19.23 -0.52
CA VAL B 135 -5.58 -18.60 0.48
C VAL B 135 -7.02 -18.88 0.09
N ASN B 136 -7.92 -18.70 1.06
CA ASN B 136 -9.33 -19.04 0.84
C ASN B 136 -9.99 -18.08 -0.17
N THR B 137 -10.87 -18.65 -1.00
CA THR B 137 -11.67 -17.83 -1.93
C THR B 137 -12.71 -17.02 -1.19
N VAL B 138 -13.27 -17.55 -0.10
CA VAL B 138 -14.24 -16.83 0.71
C VAL B 138 -13.46 -15.89 1.64
N THR B 139 -13.79 -14.60 1.59
CA THR B 139 -13.14 -13.61 2.42
C THR B 139 -14.03 -13.22 3.60
N GLY B 140 -13.42 -12.54 4.57
CA GLY B 140 -14.16 -11.85 5.60
C GLY B 140 -13.67 -10.41 5.68
N ASN B 141 -14.53 -9.54 6.20
CA ASN B 141 -14.20 -8.12 6.30
C ASN B 141 -15.18 -7.47 7.24
N SER B 142 -14.69 -6.58 8.11
CA SER B 142 -15.56 -5.82 9.00
C SER B 142 -16.34 -4.79 8.22
N SER B 143 -17.49 -4.42 8.74
CA SER B 143 -18.22 -3.29 8.22
C SER B 143 -17.81 -2.02 8.94
N LYS B 144 -18.29 -0.88 8.43
CA LYS B 144 -18.14 0.38 9.16
C LYS B 144 -18.71 0.26 10.57
N GLU B 145 -19.89 -0.33 10.69
CA GLU B 145 -20.58 -0.45 11.97
C GLU B 145 -19.78 -1.32 12.93
N GLY B 146 -19.25 -2.44 12.44
CA GLY B 146 -18.43 -3.30 13.29
C GLY B 146 -17.16 -2.62 13.75
N ALA B 147 -16.52 -1.86 12.86
CA ALA B 147 -15.29 -1.18 13.23
C ALA B 147 -15.56 -0.04 14.20
N TRP B 148 -16.70 0.65 14.05
CA TRP B 148 -17.07 1.72 14.96
C TRP B 148 -17.06 1.23 16.40
N VAL B 149 -17.71 0.08 16.64
CA VAL B 149 -17.81 -0.43 18.00
C VAL B 149 -16.52 -1.13 18.43
N ARG B 150 -15.86 -1.83 17.51
CA ARG B 150 -14.54 -2.42 17.81
C ARG B 150 -13.56 -1.37 18.30
N ASP B 151 -13.54 -0.22 17.66
CA ASP B 151 -12.54 0.79 17.99
C ASP B 151 -13.00 1.73 19.10
N ARG B 152 -14.21 1.49 19.64
CA ARG B 152 -14.73 2.26 20.77
C ARG B 152 -14.85 3.74 20.47
N LEU B 153 -15.29 4.08 19.25
CA LEU B 153 -15.68 5.47 19.02
C LEU B 153 -16.86 5.82 19.90
N GLY B 154 -17.78 4.88 20.05
CA GLY B 154 -18.93 5.00 20.90
C GLY B 154 -19.55 3.63 21.09
N PRO B 155 -20.64 3.54 21.84
CA PRO B 155 -21.25 2.23 22.11
C PRO B 155 -22.01 1.66 20.92
N ALA B 156 -22.44 2.48 19.98
CA ALA B 156 -23.18 2.05 18.81
C ALA B 156 -22.78 2.96 17.66
N PRO B 157 -22.93 2.51 16.41
CA PRO B 157 -22.54 3.36 15.27
C PRO B 157 -23.32 4.67 15.27
N GLY B 158 -22.61 5.75 14.98
CA GLY B 158 -23.17 7.08 15.00
C GLY B 158 -23.04 7.79 16.34
N GLN B 159 -22.76 7.07 17.41
CA GLN B 159 -22.64 7.64 18.74
C GLN B 159 -21.19 7.73 19.17
N PHE B 160 -20.87 8.77 19.92
CA PHE B 160 -19.53 8.97 20.45
C PHE B 160 -19.58 9.03 21.97
N PHE B 161 -18.58 8.49 22.61
CA PHE B 161 -18.45 8.63 24.05
C PHE B 161 -18.20 10.09 24.35
N GLU B 162 -18.61 10.50 25.53
CA GLU B 162 -18.33 11.86 25.96
C GLU B 162 -16.82 12.10 26.04
N ASN B 163 -16.40 13.31 25.71
CA ASN B 163 -14.92 13.60 25.70
C ASN B 163 -14.04 12.67 24.80
N SER B 164 -14.63 12.17 23.74
CA SER B 164 -13.90 11.38 22.77
C SER B 164 -12.78 12.16 22.15
N GLN B 165 -11.67 11.46 21.94
CA GLN B 165 -10.55 12.03 21.22
C GLN B 165 -10.56 11.64 19.72
N PHE B 166 -11.62 10.99 19.26
CA PHE B 166 -11.69 10.68 17.85
C PHE B 166 -11.78 11.98 17.04
N PRO B 167 -11.13 12.06 15.86
CA PRO B 167 -11.27 13.25 15.00
C PRO B 167 -12.61 13.28 14.28
N ARG B 168 -13.63 13.65 15.04
CA ARG B 168 -15.00 13.66 14.56
C ARG B 168 -15.16 14.54 13.33
N GLY B 169 -15.93 14.05 12.37
CA GLY B 169 -16.06 14.68 11.08
C GLY B 169 -15.26 14.00 10.00
N TYR B 170 -14.30 13.16 10.38
CA TYR B 170 -13.40 12.48 9.45
C TYR B 170 -13.64 10.98 9.44
N GLU B 171 -14.89 10.59 9.70
CA GLU B 171 -15.26 9.18 9.69
C GLU B 171 -15.00 8.55 8.33
N ASP B 172 -15.35 9.24 7.24
CA ASP B 172 -15.13 8.65 5.92
C ASP B 172 -13.65 8.34 5.71
N ASN B 173 -12.78 9.31 6.00
CA ASN B 173 -11.34 9.11 5.86
C ASN B 173 -10.90 7.91 6.68
N TYR B 174 -11.35 7.84 7.93
CA TYR B 174 -10.94 6.79 8.85
C TYR B 174 -11.34 5.42 8.35
N PHE B 175 -12.63 5.22 8.05
CA PHE B 175 -13.07 3.89 7.67
C PHE B 175 -12.51 3.47 6.32
N LYS B 176 -12.19 4.44 5.45
CA LYS B 176 -11.65 4.13 4.13
C LYS B 176 -10.27 3.47 4.21
N GLU B 177 -9.58 3.59 5.34
CA GLU B 177 -8.26 3.00 5.49
C GLU B 177 -8.28 1.50 5.77
N MET B 178 -9.46 0.91 6.01
CA MET B 178 -9.57 -0.45 6.52
C MET B 178 -10.03 -1.40 5.42
N GLY B 179 -9.58 -2.65 5.47
CA GLY B 179 -10.06 -3.62 4.51
C GLY B 179 -9.79 -5.06 4.93
N PHE B 180 -10.01 -5.97 3.99
CA PHE B 180 -9.91 -7.40 4.27
C PHE B 180 -8.46 -7.86 4.32
N SER B 181 -8.26 -9.05 4.88
CA SER B 181 -6.97 -9.72 4.77
C SER B 181 -7.21 -11.14 4.28
N PRO B 182 -6.47 -11.61 3.30
CA PRO B 182 -6.57 -13.01 2.89
C PRO B 182 -6.01 -13.91 3.98
N SER B 183 -6.29 -15.20 3.85
CA SER B 183 -5.98 -16.17 4.91
C SER B 183 -4.53 -16.66 4.89
N ILE B 184 -3.57 -15.73 4.78
CA ILE B 184 -2.15 -16.10 4.88
C ILE B 184 -1.85 -16.63 6.28
N SER B 185 -1.04 -17.68 6.34
CA SER B 185 -0.64 -18.24 7.63
C SER B 185 0.05 -17.17 8.48
N SER B 186 -0.33 -17.09 9.75
CA SER B 186 0.35 -16.15 10.65
C SER B 186 1.84 -16.45 10.73
N ASP B 187 2.23 -17.72 10.58
CA ASP B 187 3.64 -18.08 10.59
C ASP B 187 4.40 -17.32 9.51
N GLU B 188 3.80 -17.17 8.34
CA GLU B 188 4.46 -16.48 7.23
C GLU B 188 4.52 -14.98 7.44
N ILE B 189 3.55 -14.41 8.17
CA ILE B 189 3.61 -13.00 8.51
C ILE B 189 4.72 -12.75 9.51
N VAL B 190 4.78 -13.58 10.56
CA VAL B 190 5.86 -13.51 11.55
C VAL B 190 7.21 -13.67 10.87
N ASP B 191 7.31 -14.62 9.93
CA ASP B 191 8.59 -14.87 9.26
C ASP B 191 9.09 -13.63 8.53
N ALA B 192 8.20 -12.92 7.83
CA ALA B 192 8.63 -11.73 7.10
C ALA B 192 9.19 -10.68 8.05
N VAL B 193 8.53 -10.48 9.20
CA VAL B 193 9.02 -9.47 10.14
C VAL B 193 10.31 -9.91 10.82
N VAL B 194 10.47 -11.22 11.09
CA VAL B 194 11.74 -11.71 11.60
C VAL B 194 12.87 -11.38 10.64
N LYS B 195 12.62 -11.58 9.33
CA LYS B 195 13.63 -11.25 8.33
C LYS B 195 13.94 -9.75 8.33
N LEU B 196 12.91 -8.90 8.47
CA LEU B 196 13.17 -7.46 8.56
C LEU B 196 14.01 -7.12 9.78
N VAL B 197 13.69 -7.70 10.93
CA VAL B 197 14.43 -7.42 12.16
C VAL B 197 15.89 -7.86 12.02
N THR B 198 16.13 -8.99 11.34
CA THR B 198 17.50 -9.41 11.06
C THR B 198 18.23 -8.38 10.20
N HIS B 199 17.53 -7.83 9.20
CA HIS B 199 18.13 -6.84 8.32
C HIS B 199 18.43 -5.53 9.08
N ILE B 200 17.53 -5.11 9.96
CA ILE B 200 17.66 -3.81 10.62
C ILE B 200 18.72 -3.83 11.73
N GLY B 201 18.80 -4.92 12.47
CA GLY B 201 19.57 -4.93 13.70
C GLY B 201 18.69 -4.60 14.89
N PRO B 202 19.30 -4.32 16.05
CA PRO B 202 18.51 -3.98 17.24
C PRO B 202 17.49 -2.90 16.97
N CYS B 203 16.25 -3.14 17.43
CA CYS B 203 15.14 -2.25 17.12
C CYS B 203 14.06 -2.42 18.17
N VAL B 204 13.01 -1.60 18.06
CA VAL B 204 11.85 -1.65 18.95
C VAL B 204 10.63 -1.88 18.07
N LEU B 205 9.77 -2.83 18.46
CA LEU B 205 8.50 -3.01 17.76
C LEU B 205 7.40 -2.21 18.44
N VAL B 206 6.62 -1.50 17.65
CA VAL B 206 5.44 -0.79 18.09
C VAL B 206 4.26 -1.37 17.34
N THR B 207 3.40 -2.08 18.05
CA THR B 207 2.34 -2.89 17.44
C THR B 207 0.97 -2.34 17.82
N HIS B 208 -0.06 -2.96 17.25
CA HIS B 208 -1.42 -2.44 17.37
C HIS B 208 -2.41 -3.57 17.13
N ALA B 209 -3.35 -3.76 18.04
CA ALA B 209 -4.48 -4.65 17.76
C ALA B 209 -4.00 -6.02 17.28
N ALA B 210 -4.36 -6.45 16.06
CA ALA B 210 -3.98 -7.78 15.59
C ALA B 210 -2.47 -8.01 15.54
N SER B 211 -1.67 -6.97 15.39
CA SER B 211 -0.22 -7.21 15.34
C SER B 211 0.40 -7.39 16.71
N GLY B 212 -0.35 -7.14 17.78
CA GLY B 212 0.19 -7.38 19.12
C GLY B 212 0.74 -8.77 19.31
N VAL B 213 -0.10 -9.78 19.11
CA VAL B 213 0.37 -11.15 19.32
C VAL B 213 1.47 -11.50 18.34
N LEU B 214 1.42 -10.94 17.12
CA LEU B 214 2.43 -11.25 16.12
C LEU B 214 3.79 -10.67 16.51
N GLY B 215 3.78 -9.47 17.09
CA GLY B 215 5.03 -8.88 17.55
C GLY B 215 5.64 -9.62 18.73
N MET B 216 4.80 -10.11 19.64
CA MET B 216 5.29 -10.95 20.74
C MET B 216 5.98 -12.19 20.18
N ARG B 217 5.36 -12.82 19.18
CA ARG B 217 5.97 -13.98 18.54
C ARG B 217 7.30 -13.61 17.89
N VAL B 218 7.35 -12.51 17.12
CA VAL B 218 8.60 -12.09 16.51
C VAL B 218 9.71 -11.97 17.54
N ALA B 219 9.42 -11.31 18.67
CA ALA B 219 10.44 -11.12 19.69
C ALA B 219 11.00 -12.45 20.19
N THR B 220 10.18 -13.51 20.26
CA THR B 220 10.69 -14.80 20.74
C THR B 220 11.59 -15.47 19.71
N HIS B 221 11.55 -15.04 18.46
CA HIS B 221 12.41 -15.58 17.41
C HIS B 221 13.56 -14.65 17.06
N ALA B 222 13.58 -13.43 17.59
CA ALA B 222 14.53 -12.41 17.12
C ALA B 222 15.04 -11.61 18.30
N LYS B 223 16.26 -11.92 18.75
CA LYS B 223 16.86 -11.21 19.87
C LYS B 223 17.10 -9.74 19.56
N ASN B 224 17.06 -9.35 18.27
CA ASN B 224 17.24 -7.95 17.94
C ASN B 224 16.05 -7.09 18.40
N VAL B 225 14.89 -7.68 18.67
CA VAL B 225 13.80 -6.91 19.27
C VAL B 225 14.19 -6.59 20.70
N ARG B 226 14.41 -5.30 20.99
N ARG B 226 14.41 -5.31 21.00
CA ARG B 226 14.88 -4.86 22.29
CA ARG B 226 14.88 -4.88 22.30
C ARG B 226 13.80 -4.24 23.14
C ARG B 226 13.78 -4.28 23.17
N GLY B 227 12.57 -4.17 22.64
CA GLY B 227 11.48 -3.62 23.40
C GLY B 227 10.22 -3.73 22.57
N ILE B 228 9.07 -3.77 23.23
CA ILE B 228 7.77 -3.77 22.55
C ILE B 228 6.85 -2.79 23.25
N VAL B 229 6.18 -1.95 22.46
CA VAL B 229 5.03 -1.19 22.92
C VAL B 229 3.86 -1.61 22.03
N ALA B 230 2.81 -2.12 22.65
CA ALA B 230 1.64 -2.64 21.93
C ALA B 230 0.43 -1.81 22.29
N TYR B 231 -0.15 -1.14 21.29
CA TYR B 231 -1.38 -0.38 21.47
C TYR B 231 -2.58 -1.31 21.31
N GLU B 232 -3.36 -1.48 22.38
CA GLU B 232 -4.62 -2.20 22.33
C GLU B 232 -4.52 -3.56 21.62
N PRO B 233 -3.63 -4.44 22.07
CA PRO B 233 -3.46 -5.73 21.40
C PRO B 233 -4.72 -6.57 21.49
N ALA B 234 -4.98 -7.35 20.44
CA ALA B 234 -6.24 -8.07 20.29
C ALA B 234 -6.22 -9.51 20.81
N THR B 235 -5.07 -10.18 20.77
CA THR B 235 -4.96 -11.58 21.19
C THR B 235 -3.89 -11.72 22.26
N SER B 236 -4.25 -12.38 23.36
CA SER B 236 -3.33 -12.63 24.46
C SER B 236 -2.44 -13.85 24.16
N ILE B 237 -1.31 -13.93 24.87
CA ILE B 237 -0.32 -14.99 24.67
C ILE B 237 0.12 -15.57 26.00
N PHE B 238 0.29 -16.90 26.03
CA PHE B 238 0.61 -17.60 27.26
C PHE B 238 1.52 -18.77 26.93
N PRO B 239 2.25 -19.30 27.92
CA PRO B 239 2.97 -20.56 27.70
C PRO B 239 1.99 -21.70 27.46
N LYS B 240 2.42 -22.65 26.63
CA LYS B 240 1.56 -23.78 26.29
C LYS B 240 1.14 -24.53 27.55
N GLY B 241 -0.16 -24.81 27.65
CA GLY B 241 -0.71 -25.52 28.79
C GLY B 241 -0.84 -24.69 30.05
N LYS B 242 -0.57 -23.38 29.99
CA LYS B 242 -0.64 -22.51 31.15
C LYS B 242 -1.57 -21.32 30.93
N VAL B 243 -2.61 -21.50 30.12
CA VAL B 243 -3.61 -20.46 29.93
C VAL B 243 -4.48 -20.41 31.18
N PRO B 244 -4.58 -19.27 31.84
CA PRO B 244 -5.42 -19.16 33.05
C PRO B 244 -6.90 -19.16 32.69
N GLU B 245 -7.72 -19.34 33.72
CA GLU B 245 -9.16 -19.26 33.51
C GLU B 245 -9.54 -17.85 33.08
N ILE B 246 -10.28 -17.76 31.99
CA ILE B 246 -10.75 -16.48 31.45
C ILE B 246 -12.26 -16.62 31.28
N PRO B 247 -13.05 -15.71 31.81
CA PRO B 247 -14.51 -15.87 31.75
C PRO B 247 -15.03 -15.62 30.35
N PRO B 248 -16.25 -16.08 30.05
CA PRO B 248 -16.92 -15.67 28.81
C PRO B 248 -17.33 -14.22 28.92
N LEU B 249 -17.90 -13.67 27.86
CA LEU B 249 -18.41 -12.31 27.94
C LEU B 249 -19.71 -12.27 28.73
N ALA B 250 -20.24 -11.06 28.90
CA ALA B 250 -21.43 -10.85 29.71
C ALA B 250 -22.66 -11.54 29.14
N ASP B 251 -22.69 -11.81 27.84
CA ASP B 251 -23.80 -12.57 27.29
C ASP B 251 -23.78 -14.04 27.71
N LYS B 252 -22.75 -14.44 28.45
CA LYS B 252 -22.59 -15.82 28.93
C LYS B 252 -22.59 -16.85 27.79
N LYS B 253 -22.18 -16.42 26.60
CA LYS B 253 -22.11 -17.28 25.42
C LYS B 253 -20.81 -17.05 24.66
N SER B 254 -20.42 -15.79 24.51
CA SER B 254 -19.29 -15.42 23.67
C SER B 254 -17.99 -15.51 24.45
N GLN B 255 -16.89 -15.64 23.71
CA GLN B 255 -15.55 -15.68 24.29
C GLN B 255 -14.70 -14.65 23.58
N ILE B 256 -13.57 -14.30 24.21
CA ILE B 256 -12.56 -13.48 23.54
C ILE B 256 -11.79 -14.34 22.55
N PHE B 257 -10.79 -13.75 21.88
CA PHE B 257 -10.00 -14.54 20.93
C PHE B 257 -9.24 -15.62 21.69
N PRO B 258 -9.25 -16.86 21.22
CA PRO B 258 -8.49 -17.93 21.88
C PRO B 258 -7.03 -17.50 22.07
N PRO B 259 -6.55 -17.48 23.30
CA PRO B 259 -5.15 -17.08 23.53
C PRO B 259 -4.16 -17.96 22.77
N PHE B 260 -3.13 -17.32 22.25
CA PHE B 260 -2.06 -18.03 21.56
C PHE B 260 -1.13 -18.68 22.57
N GLU B 261 -0.77 -19.93 22.33
CA GLU B 261 0.11 -20.68 23.23
C GLU B 261 1.43 -20.97 22.54
N ILE B 262 2.54 -20.66 23.22
CA ILE B 262 3.88 -20.96 22.72
C ILE B 262 4.64 -21.75 23.76
N GLN B 263 5.62 -22.53 23.29
CA GLN B 263 6.51 -23.26 24.18
C GLN B 263 7.17 -22.32 25.19
N GLU B 264 7.30 -22.78 26.43
CA GLU B 264 7.82 -21.90 27.47
C GLU B 264 9.24 -21.43 27.17
N SER B 265 10.04 -22.25 26.48
CA SER B 265 11.39 -21.82 26.14
C SER B 265 11.37 -20.57 25.27
N TYR B 266 10.36 -20.44 24.40
CA TYR B 266 10.22 -19.22 23.64
C TYR B 266 9.56 -18.12 24.45
N PHE B 267 8.52 -18.45 25.22
CA PHE B 267 7.84 -17.45 26.03
C PHE B 267 8.79 -16.73 26.97
N LYS B 268 9.75 -17.45 27.53
CA LYS B 268 10.67 -16.83 28.47
C LYS B 268 11.54 -15.75 27.84
N LYS B 269 11.69 -15.73 26.53
CA LYS B 269 12.43 -14.64 25.88
C LYS B 269 11.73 -13.28 26.09
N LEU B 270 10.44 -13.31 26.31
CA LEU B 270 9.68 -12.08 26.53
C LEU B 270 10.07 -11.41 27.86
N ALA B 271 10.66 -12.19 28.76
CA ALA B 271 11.11 -11.63 30.04
C ALA B 271 12.41 -10.87 29.97
N LYS B 272 13.09 -10.91 28.81
CA LYS B 272 14.38 -10.28 28.66
C LYS B 272 14.37 -8.85 28.15
N ILE B 273 13.18 -8.37 27.79
CA ILE B 273 13.03 -7.05 27.21
C ILE B 273 11.86 -6.30 27.86
N PRO B 274 11.93 -4.98 27.85
CA PRO B 274 10.80 -4.21 28.36
C PRO B 274 9.60 -4.25 27.41
N ILE B 275 8.44 -4.48 27.99
CA ILE B 275 7.21 -4.60 27.21
C ILE B 275 6.13 -3.78 27.87
N GLN B 276 5.44 -2.95 27.10
CA GLN B 276 4.35 -2.12 27.60
C GLN B 276 3.14 -2.31 26.70
N PHE B 277 2.00 -2.62 27.30
CA PHE B 277 0.71 -2.63 26.60
C PHE B 277 -0.02 -1.34 26.96
N VAL B 278 -0.57 -0.64 25.95
CA VAL B 278 -1.22 0.65 26.13
C VAL B 278 -2.70 0.52 25.80
N PHE B 279 -3.57 0.92 26.71
CA PHE B 279 -5.01 0.90 26.46
C PHE B 279 -5.60 2.30 26.55
N GLY B 280 -6.56 2.57 25.68
CA GLY B 280 -7.32 3.81 25.72
C GLY B 280 -8.46 3.78 26.71
N ASP B 281 -9.49 4.56 26.43
CA ASP B 281 -10.56 4.83 27.39
C ASP B 281 -11.80 4.05 27.04
N ASN B 282 -12.79 4.11 27.95
CA ASN B 282 -14.13 3.57 27.75
C ASN B 282 -14.19 2.05 27.69
N ILE B 283 -13.22 1.36 28.27
CA ILE B 283 -13.31 -0.08 28.50
C ILE B 283 -14.03 -0.28 29.82
N PRO B 284 -15.19 -0.93 29.84
CA PRO B 284 -15.97 -1.02 31.08
C PRO B 284 -15.25 -1.85 32.15
N LYS B 285 -15.46 -1.44 33.40
CA LYS B 285 -14.96 -2.21 34.53
C LYS B 285 -15.85 -3.42 34.80
N ASN B 286 -17.13 -3.33 34.49
CA ASN B 286 -18.13 -4.31 34.86
C ASN B 286 -18.78 -4.92 33.62
N PRO B 287 -19.37 -6.11 33.74
CA PRO B 287 -20.03 -6.74 32.59
C PRO B 287 -21.02 -5.80 31.91
N LYS B 288 -20.98 -5.82 30.57
CA LYS B 288 -21.76 -4.91 29.72
C LYS B 288 -22.44 -5.74 28.63
N SER B 289 -23.58 -6.36 28.98
CA SER B 289 -24.24 -7.27 28.07
C SER B 289 -24.87 -6.57 26.85
N ALA B 290 -25.18 -5.27 26.97
CA ALA B 290 -25.80 -4.56 25.86
C ALA B 290 -24.82 -4.18 24.75
N TYR B 291 -23.51 -4.19 25.02
CA TYR B 291 -22.51 -3.68 24.08
C TYR B 291 -21.39 -4.71 23.96
N TRP B 292 -21.54 -5.61 22.98
CA TRP B 292 -20.67 -6.78 22.86
C TRP B 292 -19.20 -6.40 22.80
N PHE B 293 -18.83 -5.43 21.96
CA PHE B 293 -17.41 -5.15 21.81
C PHE B 293 -16.83 -4.42 23.02
N LEU B 294 -17.64 -3.64 23.74
CA LEU B 294 -17.15 -3.07 25.00
C LEU B 294 -16.83 -4.17 25.99
N ASP B 295 -17.73 -5.15 26.13
CA ASP B 295 -17.46 -6.25 27.04
C ASP B 295 -16.29 -7.11 26.57
N TRP B 296 -16.16 -7.30 25.26
CA TRP B 296 -15.02 -8.03 24.70
C TRP B 296 -13.71 -7.37 25.12
N TRP B 297 -13.66 -6.02 25.08
CA TRP B 297 -12.45 -5.33 25.49
C TRP B 297 -12.17 -5.48 26.98
N ARG B 298 -13.23 -5.48 27.81
CA ARG B 298 -13.03 -5.71 29.24
C ARG B 298 -12.34 -7.04 29.50
N VAL B 299 -12.85 -8.11 28.88
CA VAL B 299 -12.28 -9.43 29.13
C VAL B 299 -10.92 -9.58 28.45
N THR B 300 -10.75 -8.99 27.26
CA THR B 300 -9.47 -9.06 26.57
C THR B 300 -8.39 -8.33 27.37
N ARG B 301 -8.68 -7.13 27.87
CA ARG B 301 -7.71 -6.43 28.69
C ARG B 301 -7.35 -7.24 29.93
N TYR B 302 -8.35 -7.89 30.55
CA TYR B 302 -8.09 -8.76 31.69
C TYR B 302 -7.14 -9.88 31.31
N ALA B 303 -7.41 -10.56 30.20
CA ALA B 303 -6.51 -11.62 29.76
C ALA B 303 -5.09 -11.12 29.55
N HIS B 304 -4.94 -9.94 28.95
CA HIS B 304 -3.61 -9.36 28.77
C HIS B 304 -2.94 -9.08 30.11
N SER B 305 -3.71 -8.63 31.10
CA SER B 305 -3.11 -8.39 32.40
C SER B 305 -2.50 -9.68 32.97
N LEU B 306 -3.16 -10.81 32.73
CA LEU B 306 -2.62 -12.09 33.20
C LEU B 306 -1.41 -12.53 32.38
N SER B 307 -1.40 -12.20 31.09
CA SER B 307 -0.26 -12.49 30.24
C SER B 307 0.98 -11.73 30.71
N LEU B 308 0.81 -10.44 30.99
CA LEU B 308 1.92 -9.64 31.49
C LEU B 308 2.39 -10.14 32.85
N GLU B 309 1.45 -10.54 33.71
CA GLU B 309 1.84 -11.10 35.01
C GLU B 309 2.68 -12.36 34.82
N ALA B 310 2.32 -13.20 33.85
CA ALA B 310 3.11 -14.41 33.61
C ALA B 310 4.52 -14.08 33.15
N ILE B 311 4.68 -13.04 32.33
CA ILE B 311 6.02 -12.62 31.92
C ILE B 311 6.81 -12.13 33.13
N ASN B 312 6.17 -11.36 34.00
CA ASN B 312 6.88 -10.86 35.18
C ASN B 312 7.27 -11.98 36.15
N LYS B 313 6.48 -13.06 36.21
CA LYS B 313 6.84 -14.21 37.04
C LYS B 313 7.99 -15.00 36.46
N LEU B 314 8.42 -14.70 35.24
CA LEU B 314 9.62 -15.27 34.65
C LEU B 314 10.79 -14.28 34.69
N GLY B 315 10.66 -13.23 35.50
CA GLY B 315 11.71 -12.24 35.65
C GLY B 315 11.60 -11.06 34.72
N GLY B 316 10.44 -10.86 34.09
CA GLY B 316 10.30 -9.85 33.06
C GLY B 316 10.04 -8.46 33.60
N GLN B 317 9.79 -7.56 32.66
CA GLN B 317 9.49 -6.16 32.95
C GLN B 317 8.38 -5.74 32.01
N ALA B 318 7.18 -6.24 32.29
CA ALA B 318 6.02 -6.10 31.43
C ALA B 318 4.96 -5.29 32.15
N SER B 319 4.47 -4.24 31.52
CA SER B 319 3.57 -3.31 32.18
C SER B 319 2.35 -3.02 31.32
N LEU B 320 1.29 -2.59 31.99
CA LEU B 320 0.04 -2.18 31.35
C LEU B 320 -0.15 -0.71 31.68
N LEU B 321 -0.26 0.12 30.64
CA LEU B 321 -0.51 1.55 30.79
C LEU B 321 -1.93 1.82 30.33
N ASP B 322 -2.81 2.20 31.26
CA ASP B 322 -4.12 2.70 30.91
C ASP B 322 -4.00 4.21 30.73
N LEU B 323 -4.23 4.69 29.52
CA LEU B 323 -4.05 6.11 29.25
C LEU B 323 -4.79 7.02 30.22
N PRO B 324 -6.01 6.70 30.68
CA PRO B 324 -6.67 7.58 31.66
C PRO B 324 -5.88 7.75 32.94
N THR B 325 -5.15 6.73 33.39
CA THR B 325 -4.33 6.90 34.59
C THR B 325 -3.19 7.87 34.39
N ALA B 326 -2.77 8.07 33.14
CA ALA B 326 -1.75 9.05 32.81
C ALA B 326 -2.33 10.43 32.53
N GLY B 327 -3.63 10.60 32.71
CA GLY B 327 -4.26 11.90 32.54
C GLY B 327 -4.83 12.17 31.17
N LEU B 328 -4.92 11.14 30.32
CA LEU B 328 -5.42 11.28 28.96
C LEU B 328 -6.77 10.58 28.90
N ARG B 329 -7.84 11.34 28.65
CA ARG B 329 -9.18 10.78 28.60
C ARG B 329 -9.72 10.77 27.17
N GLY B 330 -10.51 9.74 26.87
CA GLY B 330 -11.27 9.71 25.64
C GLY B 330 -10.62 8.98 24.47
N ASN B 331 -9.48 8.32 24.68
CA ASN B 331 -8.83 7.66 23.56
C ASN B 331 -9.64 6.47 23.05
N THR B 332 -9.59 6.27 21.74
CA THR B 332 -10.15 5.12 21.07
C THR B 332 -9.10 4.00 21.03
N ALA B 333 -9.40 2.94 20.29
CA ALA B 333 -8.46 1.84 20.11
C ALA B 333 -7.33 2.17 19.14
N PHE B 334 -7.29 3.39 18.58
CA PHE B 334 -6.18 3.88 17.76
C PHE B 334 -5.64 5.15 18.44
N PRO B 335 -5.01 5.04 19.61
CA PRO B 335 -4.64 6.28 20.33
C PRO B 335 -3.66 7.13 19.55
N PHE B 336 -2.83 6.51 18.72
CA PHE B 336 -1.82 7.19 17.91
C PHE B 336 -2.39 7.95 16.71
N THR B 337 -3.71 7.88 16.43
CA THR B 337 -4.31 8.79 15.45
C THR B 337 -5.38 9.70 16.06
N ASP B 338 -5.62 9.60 17.36
CA ASP B 338 -6.60 10.44 18.04
C ASP B 338 -6.11 11.88 18.11
N ARG B 339 -7.00 12.78 18.58
CA ARG B 339 -6.70 14.20 18.60
C ARG B 339 -5.58 14.54 19.55
N ASN B 340 -5.36 13.72 20.58
CA ASN B 340 -4.27 13.91 21.53
C ASN B 340 -3.08 13.03 21.22
N ASN B 341 -2.88 12.66 19.96
CA ASN B 341 -1.81 11.72 19.63
C ASN B 341 -0.42 12.26 19.95
N VAL B 342 -0.24 13.59 20.00
CA VAL B 342 1.07 14.12 20.42
C VAL B 342 1.36 13.74 21.87
N GLN B 343 0.34 13.79 22.72
CA GLN B 343 0.52 13.39 24.12
C GLN B 343 0.75 11.89 24.24
N VAL B 344 0.06 11.10 23.41
CA VAL B 344 0.31 9.66 23.38
C VAL B 344 1.76 9.40 22.98
N ALA B 345 2.24 10.13 21.96
CA ALA B 345 3.63 9.97 21.51
C ALA B 345 4.62 10.32 22.62
N SER B 346 4.30 11.35 23.40
CA SER B 346 5.18 11.73 24.50
C SER B 346 5.36 10.57 25.49
N LEU B 347 4.28 9.82 25.76
CA LEU B 347 4.39 8.68 26.65
C LEU B 347 5.23 7.56 26.04
N LEU B 348 5.19 7.40 24.71
CA LEU B 348 6.07 6.43 24.06
C LEU B 348 7.53 6.88 24.15
N SER B 349 7.78 8.17 23.91
CA SER B 349 9.13 8.71 24.11
C SER B 349 9.61 8.46 25.54
N ASP B 350 8.71 8.61 26.53
CA ASP B 350 9.10 8.37 27.92
C ASP B 350 9.53 6.92 28.14
N PHE B 351 8.79 5.97 27.56
CA PHE B 351 9.17 4.56 27.64
C PHE B 351 10.54 4.31 27.00
N LEU B 352 10.75 4.84 25.79
CA LEU B 352 12.03 4.65 25.12
C LEU B 352 13.17 5.24 25.94
N GLY B 353 12.96 6.41 26.53
CA GLY B 353 14.00 7.04 27.33
C GLY B 353 14.32 6.27 28.59
N LYS B 354 13.29 5.85 29.32
CA LYS B 354 13.48 5.08 30.56
C LYS B 354 14.37 3.87 30.31
N HIS B 355 14.16 3.19 29.18
CA HIS B 355 14.85 1.95 28.89
C HIS B 355 16.11 2.10 28.05
N GLY B 356 16.57 3.34 27.86
CA GLY B 356 17.81 3.57 27.14
C GLY B 356 17.72 3.30 25.65
N LEU B 357 16.52 3.20 25.10
CA LEU B 357 16.31 2.91 23.69
C LEU B 357 16.39 4.15 22.81
N ASP B 358 16.67 5.31 23.40
CA ASP B 358 16.86 6.57 22.68
C ASP B 358 18.30 7.06 22.77
N GLN B 359 19.23 6.16 23.10
CA GLN B 359 20.65 6.45 23.28
C GLN B 359 21.46 5.55 22.37
N ASN B 360 22.60 6.08 21.89
CA ASN B 360 23.50 5.32 21.03
C ASN B 360 24.52 4.49 21.83
S R4O C . 2.61 -2.65 -20.13
C R4O C . 3.46 -2.47 -16.13
C1 R4O C . 1.44 -2.70 -17.53
C2 R4O C . 1.48 -3.19 -18.95
C3 R4O C . 2.07 -3.66 -21.43
O3 R4O C . 0.05 -5.84 -17.82
N R4O C . -1.26 -3.85 -18.22
O R4O C . 2.39 -3.23 -16.59
C10 R4O C . -6.38 -3.50 -20.41
C11 R4O C . -6.81 -1.63 -21.81
C4 R4O C . 1.03 -4.47 -21.00
C5 R4O C . 0.73 -4.23 -19.66
C6 R4O C . -2.40 -3.31 -18.71
C7 R4O C . -4.53 -4.11 -19.14
C8 R4O C . -5.65 -5.70 -20.45
C9 R4O C . -5.82 -7.10 -20.96
N1 R4O C . -3.54 -3.81 -18.28
N2 R4O C . -4.67 -5.39 -19.59
N3 R4O C . -6.51 -4.75 -20.86
N4 R4O C . -5.40 -3.17 -19.55
O1 R4O C . 0.64 -1.88 -17.10
O2 R4O C . -1.25 -5.86 -19.71
O4 R4O C . -2.41 -2.35 -19.47
O5 R4O C . -7.26 -2.55 -20.84
S1 R4O C . -0.47 -5.03 -18.89
O1 TLA D . 17.37 -7.37 -32.31
O11 TLA D . 18.69 -6.13 -33.56
C1 TLA D . 17.58 -6.38 -33.05
C2 TLA D . 16.43 -5.45 -33.34
O2 TLA D . 15.26 -5.92 -32.69
C3 TLA D . 16.20 -5.39 -34.84
O3 TLA D . 15.93 -6.70 -35.34
C4 TLA D . 15.02 -4.49 -35.09
O4 TLA D . 14.00 -4.97 -35.66
O41 TLA D . 15.09 -3.30 -34.72
C1 GOL E . 3.62 -10.40 -11.45
O1 GOL E . 2.35 -9.79 -11.56
C2 GOL E . 3.63 -11.14 -10.10
O2 GOL E . 2.61 -12.06 -10.00
C3 GOL E . 5.01 -11.83 -10.00
O3 GOL E . 5.08 -12.40 -8.70
S R4O F . -9.06 -5.27 17.71
C R4O F . -7.75 -2.94 14.04
C1 R4O F . -8.00 -5.19 15.11
C2 R4O F . -8.89 -5.85 16.10
C3 R4O F . -10.26 -6.44 18.21
O3 R4O F . -10.41 -6.88 13.57
N R4O F . -8.51 -8.28 14.21
O R4O F . -8.41 -3.84 14.86
C10 R4O F . -6.95 -13.46 15.42
C11 R4O F . -5.94 -14.44 17.35
C4 R4O F . -10.56 -7.29 17.16
C5 R4O F . -9.83 -6.96 16.02
C6 R4O F . -7.95 -9.41 14.61
C7 R4O F . -8.03 -11.71 14.32
C8 R4O F . -9.19 -13.68 14.84
C9 R4O F . -10.45 -14.51 14.80
N1 R4O F . -8.03 -10.47 13.80
N2 R4O F . -9.16 -12.46 14.30
N3 R4O F . -8.07 -14.19 15.40
N4 R4O F . -6.93 -12.23 14.89
O1 R4O F . -7.02 -5.71 14.60
O2 R4O F . -10.95 -8.76 14.83
O4 R4O F . -7.32 -9.45 15.65
O5 R4O F . -5.83 -13.97 16.00
S1 R4O F . -9.97 -7.76 14.62
O1 TLA G . -18.62 -0.77 33.86
O11 TLA G . -17.02 0.74 33.92
C1 TLA G . -18.21 0.42 33.80
C2 TLA G . -19.22 1.51 33.58
O2 TLA G . -20.53 0.93 33.44
C3 TLA G . -18.87 2.29 32.31
O3 TLA G . -18.77 1.41 31.19
C4 TLA G . -19.93 3.31 32.03
O4 TLA G . -20.74 3.09 31.12
O41 TLA G . -19.97 4.34 32.75
C1 GOL H . -13.93 -2.10 7.47
O1 GOL H . -13.01 -3.16 7.45
C2 GOL H . -14.21 -1.70 6.00
O2 GOL H . -14.73 -2.77 5.26
C3 GOL H . -15.27 -0.58 6.09
O3 GOL H . -15.34 0.01 4.82
#